data_5H2Q
#
_entry.id   5H2Q
#
_cell.length_a   97.210
_cell.length_b   97.210
_cell.length_c   120.440
_cell.angle_alpha   90.00
_cell.angle_beta   90.00
_cell.angle_gamma   120.00
#
_symmetry.space_group_name_H-M   'P 31 2 1'
#
loop_
_entity.id
_entity.type
_entity.pdbx_description
1 polymer Phosphodiesterase
2 non-polymer 'ZINC ION'
3 non-polymer 'MAGNESIUM ION'
4 non-polymer (4~{a}~{S},8~{a}~{R})-2-cycloheptyl-4-[4-methoxy-3-[2-(2-oxidanylideneimidazolidin-1-yl)ethoxy]phenyl]-4~{a},5,8,8~{a}-tetrahydrophthalazin-1-one
5 water water
#
_entity_poly.entity_id   1
_entity_poly.type   'polypeptide(L)'
_entity_poly.pdbx_seq_one_letter_code
;GSHMVTAITNREREAVLRIEFPNVDVTDIDFDLFQARESTDKPLDVAAAIAYRLLLGSGLPQKFGCSDEVLLNFILQCRK
KYRNVPYHNFYHVVDVCQTIYTFLYRGNVYEKLTELECFVLLITALVHDLDHMGLNNSFYLKTESPLGILSSASGNKSVL
EVHHCNLAVEILSDPESDVFGGLEGAERTLAFRSMIDCVLATDMARHSEFLEKYLELMKTSYNVDDSDHRQMTMDVLMKA
GDISNVTKPFDISRQWAMAVTEEFYRQGDMEKERGVEVLPMFDRSKNMELAKGQIGFIDFVAAPFFQKIVDACLQGMQWT
VDRTKSNRAQWERVLEA
;
_entity_poly.pdbx_strand_id   A,B
#
loop_
_chem_comp.id
_chem_comp.type
_chem_comp.name
_chem_comp.formula
LLI non-polymer (4~{a}~{S},8~{a}~{R})-2-cycloheptyl-4-[4-methoxy-3-[2-(2-oxidanylideneimidazolidin-1-yl)ethoxy]phenyl]-4~{a},5,8,8~{a}-tetrahydrophthalazin-1-one 'C27 H36 N4 O4'
MG non-polymer 'MAGNESIUM ION' 'Mg 2'
ZN non-polymer 'ZINC ION' 'Zn 2'
#
# COMPACT_ATOMS: atom_id res chain seq x y z
N ALA A 7 10.21 -16.51 1.56
CA ALA A 7 11.50 -16.57 2.26
C ALA A 7 12.63 -16.88 1.30
N ILE A 8 13.79 -16.20 1.48
CA ILE A 8 15.00 -16.31 0.66
C ILE A 8 15.55 -17.76 0.60
N THR A 9 16.18 -18.15 -0.54
CA THR A 9 16.80 -19.48 -0.63
C THR A 9 18.20 -19.41 -0.01
N ASN A 10 18.72 -20.55 0.50
CA ASN A 10 20.05 -20.62 1.10
C ASN A 10 21.13 -20.31 0.07
N ARG A 11 20.93 -20.75 -1.19
CA ARG A 11 21.85 -20.49 -2.30
C ARG A 11 21.93 -18.96 -2.56
N GLU A 12 20.77 -18.27 -2.51
CA GLU A 12 20.69 -16.83 -2.71
C GLU A 12 21.49 -16.05 -1.62
N ARG A 13 21.33 -16.43 -0.35
CA ARG A 13 22.08 -15.82 0.77
C ARG A 13 23.58 -16.07 0.64
N GLU A 14 23.97 -17.34 0.31
CA GLU A 14 25.40 -17.70 0.18
C GLU A 14 26.11 -16.92 -0.92
N ALA A 15 25.43 -16.66 -2.05
CA ALA A 15 25.98 -15.92 -3.19
C ALA A 15 26.32 -14.47 -2.80
N VAL A 16 25.68 -13.94 -1.74
CA VAL A 16 25.96 -12.55 -1.30
C VAL A 16 26.95 -12.54 -0.14
N LEU A 17 26.72 -13.40 0.87
CA LEU A 17 27.49 -13.52 2.12
C LEU A 17 28.98 -13.67 1.86
N ARG A 18 29.32 -14.45 0.83
CA ARG A 18 30.68 -14.79 0.43
C ARG A 18 31.45 -13.64 -0.24
N ILE A 19 30.83 -12.45 -0.48
CA ILE A 19 31.56 -11.37 -1.15
C ILE A 19 32.17 -10.35 -0.17
N GLU A 20 33.48 -10.09 -0.31
CA GLU A 20 34.17 -9.14 0.56
C GLU A 20 34.93 -8.10 -0.25
N PHE A 21 35.29 -6.95 0.38
CA PHE A 21 35.95 -5.85 -0.33
C PHE A 21 37.21 -5.38 0.42
N PRO A 22 38.21 -6.25 0.65
CA PRO A 22 39.42 -5.80 1.38
C PRO A 22 40.25 -4.73 0.67
N ASN A 23 40.21 -4.67 -0.68
CA ASN A 23 41.03 -3.70 -1.43
C ASN A 23 40.28 -2.55 -2.08
N VAL A 24 38.95 -2.49 -1.84
CA VAL A 24 38.09 -1.46 -2.41
C VAL A 24 37.27 -0.92 -1.26
N ASP A 25 37.55 0.33 -0.88
CA ASP A 25 36.86 0.94 0.25
C ASP A 25 35.45 1.42 -0.12
N VAL A 26 34.44 0.71 0.40
CA VAL A 26 33.02 1.04 0.12
C VAL A 26 32.56 2.31 0.89
N THR A 27 33.38 2.84 1.78
CA THR A 27 33.01 4.04 2.57
C THR A 27 33.53 5.34 1.94
N ASP A 28 34.32 5.27 0.88
CA ASP A 28 34.93 6.44 0.25
C ASP A 28 33.99 7.30 -0.60
N ILE A 29 34.18 8.66 -0.60
CA ILE A 29 33.37 9.51 -1.47
C ILE A 29 33.60 9.19 -2.94
N ASP A 30 34.79 8.65 -3.31
CA ASP A 30 35.15 8.29 -4.69
C ASP A 30 34.79 6.86 -5.07
N PHE A 31 34.05 6.15 -4.19
CA PHE A 31 33.68 4.77 -4.48
C PHE A 31 32.94 4.74 -5.81
N ASP A 32 33.34 3.82 -6.67
CA ASP A 32 32.80 3.70 -8.02
C ASP A 32 31.95 2.42 -8.16
N LEU A 33 30.62 2.59 -8.02
CA LEU A 33 29.70 1.47 -8.13
C LEU A 33 29.66 0.86 -9.55
N PHE A 34 29.83 1.69 -10.58
CA PHE A 34 29.84 1.23 -11.98
C PHE A 34 30.98 0.25 -12.21
N GLN A 35 32.17 0.57 -11.67
CA GLN A 35 33.33 -0.32 -11.79
C GLN A 35 33.10 -1.61 -10.98
N ALA A 36 32.52 -1.51 -9.76
CA ALA A 36 32.19 -2.70 -8.93
C ALA A 36 31.21 -3.64 -9.71
N ARG A 37 30.22 -3.05 -10.42
CA ARG A 37 29.28 -3.85 -11.22
C ARG A 37 29.99 -4.49 -12.43
N GLU A 38 30.85 -3.69 -13.11
CA GLU A 38 31.52 -4.10 -14.33
C GLU A 38 32.63 -5.13 -14.11
N SER A 39 33.20 -5.19 -12.89
CA SER A 39 34.31 -6.10 -12.54
C SER A 39 33.87 -7.41 -11.90
N THR A 40 32.60 -7.78 -12.10
CA THR A 40 32.03 -9.05 -11.65
C THR A 40 31.06 -9.55 -12.72
N ASP A 41 30.78 -10.86 -12.68
CA ASP A 41 29.77 -11.54 -13.50
C ASP A 41 28.44 -11.62 -12.68
N LYS A 42 28.42 -11.16 -11.39
CA LYS A 42 27.19 -11.20 -10.56
C LYS A 42 26.96 -9.80 -9.94
N PRO A 43 26.69 -8.76 -10.78
CA PRO A 43 26.53 -7.40 -10.24
C PRO A 43 25.43 -7.21 -9.20
N LEU A 44 24.31 -7.96 -9.29
CA LEU A 44 23.26 -7.81 -8.27
C LEU A 44 23.70 -8.38 -6.91
N ASP A 45 24.54 -9.44 -6.92
CA ASP A 45 25.07 -10.02 -5.69
C ASP A 45 26.10 -9.05 -5.06
N VAL A 46 27.00 -8.46 -5.88
CA VAL A 46 28.00 -7.47 -5.44
C VAL A 46 27.28 -6.23 -4.87
N ALA A 47 26.21 -5.72 -5.56
CA ALA A 47 25.40 -4.58 -5.10
C ALA A 47 24.83 -4.88 -3.72
N ALA A 48 24.22 -6.08 -3.52
CA ALA A 48 23.68 -6.49 -2.21
C ALA A 48 24.81 -6.61 -1.18
N ALA A 49 25.97 -7.21 -1.55
CA ALA A 49 27.09 -7.32 -0.61
C ALA A 49 27.66 -5.93 -0.22
N ILE A 50 27.60 -4.93 -1.12
CA ILE A 50 28.08 -3.58 -0.78
C ILE A 50 27.25 -3.03 0.35
N ALA A 51 25.90 -3.09 0.21
CA ALA A 51 25.02 -2.59 1.26
C ALA A 51 25.20 -3.40 2.56
N TYR A 52 25.32 -4.74 2.42
CA TYR A 52 25.47 -5.64 3.58
C TYR A 52 26.76 -5.34 4.36
N ARG A 53 27.92 -5.31 3.66
CA ARG A 53 29.20 -5.05 4.29
C ARG A 53 29.33 -3.64 4.78
N LEU A 54 28.75 -2.66 4.07
CA LEU A 54 28.81 -1.28 4.54
C LEU A 54 28.09 -1.16 5.89
N LEU A 55 26.89 -1.72 5.98
CA LEU A 55 26.09 -1.64 7.20
CA LEU A 55 26.09 -1.65 7.20
C LEU A 55 26.68 -2.50 8.33
N LEU A 56 27.06 -3.75 8.06
CA LEU A 56 27.66 -4.55 9.16
C LEU A 56 28.97 -3.91 9.64
N GLY A 57 29.73 -3.32 8.69
CA GLY A 57 31.01 -2.70 8.95
C GLY A 57 30.93 -1.53 9.89
N SER A 58 29.78 -0.81 9.87
CA SER A 58 29.49 0.37 10.69
C SER A 58 29.26 0.01 12.15
N GLY A 59 28.71 -1.18 12.40
CA GLY A 59 28.34 -1.60 13.74
C GLY A 59 26.95 -1.13 14.11
N LEU A 60 26.26 -0.40 13.21
CA LEU A 60 24.92 0.10 13.50
C LEU A 60 23.87 -1.02 13.68
N PRO A 61 23.67 -1.95 12.73
CA PRO A 61 22.62 -2.97 12.94
C PRO A 61 22.76 -3.72 14.28
N GLN A 62 24.01 -4.09 14.62
CA GLN A 62 24.37 -4.81 15.85
C GLN A 62 23.93 -4.05 17.10
N LYS A 63 24.16 -2.72 17.09
CA LYS A 63 23.76 -1.83 18.20
C LYS A 63 22.26 -1.78 18.39
N PHE A 64 21.47 -2.05 17.33
CA PHE A 64 20.03 -1.98 17.41
C PHE A 64 19.36 -3.36 17.35
N GLY A 65 20.14 -4.40 17.66
CA GLY A 65 19.61 -5.76 17.78
C GLY A 65 19.16 -6.38 16.48
N CYS A 66 19.70 -5.87 15.36
CA CYS A 66 19.43 -6.41 14.04
C CYS A 66 20.53 -7.41 13.74
N SER A 67 20.20 -8.71 13.74
CA SER A 67 21.16 -9.78 13.48
C SER A 67 21.67 -9.69 12.05
N ASP A 68 22.84 -10.31 11.78
CA ASP A 68 23.37 -10.33 10.41
C ASP A 68 22.39 -11.02 9.46
N GLU A 69 21.77 -12.13 9.90
CA GLU A 69 20.84 -12.84 9.02
C GLU A 69 19.61 -12.00 8.68
N VAL A 70 19.11 -11.21 9.64
CA VAL A 70 17.92 -10.36 9.41
C VAL A 70 18.30 -9.25 8.41
N LEU A 71 19.48 -8.66 8.61
CA LEU A 71 19.94 -7.60 7.71
C LEU A 71 20.07 -8.17 6.28
N LEU A 72 20.65 -9.36 6.15
CA LEU A 72 20.79 -9.95 4.82
C LEU A 72 19.44 -10.28 4.21
N ASN A 73 18.51 -10.90 4.98
CA ASN A 73 17.17 -11.22 4.50
C ASN A 73 16.47 -9.94 4.03
N PHE A 74 16.61 -8.87 4.81
CA PHE A 74 16.01 -7.60 4.45
C PHE A 74 16.58 -7.08 3.10
N ILE A 75 17.91 -7.09 2.93
CA ILE A 75 18.50 -6.58 1.68
C ILE A 75 18.03 -7.40 0.48
N LEU A 76 17.96 -8.73 0.64
CA LEU A 76 17.51 -9.57 -0.46
C LEU A 76 16.02 -9.39 -0.75
N GLN A 77 15.19 -9.18 0.29
CA GLN A 77 13.76 -8.89 0.06
C GLN A 77 13.61 -7.56 -0.69
N CYS A 78 14.42 -6.54 -0.34
CA CYS A 78 14.42 -5.27 -1.07
C CYS A 78 14.81 -5.56 -2.52
N ARG A 79 15.93 -6.25 -2.73
CA ARG A 79 16.44 -6.50 -4.08
C ARG A 79 15.40 -7.13 -4.99
N LYS A 80 14.61 -8.07 -4.45
CA LYS A 80 13.54 -8.76 -5.20
C LYS A 80 12.48 -7.81 -5.75
N LYS A 81 12.28 -6.67 -5.10
CA LYS A 81 11.26 -5.68 -5.47
C LYS A 81 11.79 -4.57 -6.38
N TYR A 82 13.08 -4.65 -6.81
CA TYR A 82 13.63 -3.70 -7.77
C TYR A 82 13.57 -4.30 -9.15
N ARG A 83 13.19 -3.48 -10.10
CA ARG A 83 12.96 -3.98 -11.45
C ARG A 83 14.12 -3.71 -12.39
N ASN A 84 14.10 -4.34 -13.57
CA ASN A 84 15.13 -4.21 -14.59
C ASN A 84 14.82 -2.99 -15.47
N VAL A 85 15.03 -1.81 -14.89
CA VAL A 85 14.85 -0.53 -15.56
C VAL A 85 16.21 0.18 -15.65
N PRO A 86 16.40 1.20 -16.52
CA PRO A 86 17.76 1.76 -16.69
C PRO A 86 18.32 2.56 -15.51
N TYR A 87 17.44 3.23 -14.74
CA TYR A 87 17.92 4.07 -13.63
C TYR A 87 17.40 3.64 -12.27
N HIS A 88 16.07 3.50 -12.11
CA HIS A 88 15.49 3.16 -10.82
C HIS A 88 15.52 1.66 -10.54
N ASN A 89 16.74 1.08 -10.62
CA ASN A 89 16.96 -0.34 -10.35
C ASN A 89 17.69 -0.45 -9.00
N PHE A 90 17.98 -1.68 -8.58
CA PHE A 90 18.64 -1.91 -7.28
C PHE A 90 19.96 -1.11 -7.12
N TYR A 91 20.72 -0.88 -8.21
CA TYR A 91 22.00 -0.14 -8.10
C TYR A 91 21.78 1.31 -7.63
N HIS A 92 20.66 1.95 -8.02
CA HIS A 92 20.37 3.31 -7.57
C HIS A 92 20.24 3.37 -6.05
N VAL A 93 19.46 2.43 -5.45
CA VAL A 93 19.27 2.50 -3.99
C VAL A 93 20.54 2.12 -3.24
N VAL A 94 21.33 1.17 -3.78
CA VAL A 94 22.61 0.85 -3.14
C VAL A 94 23.52 2.09 -3.19
N ASP A 95 23.51 2.78 -4.32
CA ASP A 95 24.25 4.02 -4.47
C ASP A 95 23.79 5.07 -3.47
N VAL A 96 22.47 5.26 -3.33
CA VAL A 96 21.93 6.26 -2.39
C VAL A 96 22.34 5.92 -0.95
N CYS A 97 22.31 4.63 -0.61
CA CYS A 97 22.70 4.13 0.71
C CYS A 97 24.16 4.49 0.96
N GLN A 98 25.05 4.10 0.02
CA GLN A 98 26.50 4.36 0.11
C GLN A 98 26.78 5.87 0.19
N THR A 99 26.11 6.66 -0.65
CA THR A 99 26.30 8.11 -0.67
C THR A 99 25.91 8.74 0.65
N ILE A 100 24.73 8.40 1.18
CA ILE A 100 24.27 8.95 2.45
C ILE A 100 25.29 8.57 3.55
N TYR A 101 25.80 7.32 3.51
CA TYR A 101 26.83 6.92 4.47
C TYR A 101 28.01 7.93 4.43
N THR A 102 28.45 8.34 3.23
CA THR A 102 29.53 9.33 3.13
C THR A 102 29.12 10.67 3.71
N PHE A 103 27.86 11.10 3.49
CA PHE A 103 27.41 12.39 4.05
C PHE A 103 27.46 12.33 5.55
N LEU A 104 27.02 11.20 6.13
CA LEU A 104 27.03 11.05 7.58
C LEU A 104 28.42 10.98 8.15
N TYR A 105 29.31 10.14 7.60
CA TYR A 105 30.61 9.82 8.26
C TYR A 105 31.87 10.41 7.63
N ARG A 106 31.74 11.07 6.47
CA ARG A 106 32.85 11.78 5.85
C ARG A 106 32.47 13.27 5.91
N GLY A 107 31.17 13.58 5.77
CA GLY A 107 30.62 14.93 5.87
C GLY A 107 30.27 15.39 7.26
N ASN A 108 30.46 14.51 8.30
CA ASN A 108 30.17 14.76 9.72
C ASN A 108 28.71 15.04 10.06
N VAL A 109 27.75 14.68 9.17
CA VAL A 109 26.35 14.92 9.48
C VAL A 109 25.87 13.96 10.59
N TYR A 110 26.67 12.92 10.93
CA TYR A 110 26.28 12.05 12.05
C TYR A 110 26.13 12.87 13.36
N GLU A 111 26.88 13.99 13.50
CA GLU A 111 26.75 14.83 14.70
C GLU A 111 25.38 15.49 14.84
N LYS A 112 24.66 15.63 13.70
CA LYS A 112 23.34 16.28 13.67
C LYS A 112 22.17 15.32 13.88
N LEU A 113 22.46 14.00 13.99
CA LEU A 113 21.43 12.97 14.13
C LEU A 113 21.83 11.99 15.19
N THR A 114 20.86 11.30 15.81
CA THR A 114 21.23 10.26 16.75
C THR A 114 21.71 9.06 15.94
N GLU A 115 22.45 8.16 16.58
CA GLU A 115 22.94 6.91 16.00
C GLU A 115 21.78 6.08 15.43
N LEU A 116 20.64 6.00 16.16
CA LEU A 116 19.45 5.30 15.67
C LEU A 116 18.99 5.93 14.37
N GLU A 117 18.91 7.27 14.31
CA GLU A 117 18.47 7.94 13.06
C GLU A 117 19.40 7.67 11.86
N CYS A 118 20.71 7.53 12.13
CA CYS A 118 21.69 7.20 11.09
C CYS A 118 21.38 5.81 10.54
N PHE A 119 21.13 4.84 11.44
CA PHE A 119 20.77 3.48 11.04
C PHE A 119 19.47 3.53 10.21
N VAL A 120 18.45 4.23 10.72
CA VAL A 120 17.17 4.36 10.01
C VAL A 120 17.38 4.94 8.61
N LEU A 121 18.20 6.00 8.48
CA LEU A 121 18.44 6.63 7.16
C LEU A 121 19.06 5.65 6.15
N LEU A 122 20.06 4.87 6.59
CA LEU A 122 20.74 3.93 5.70
C LEU A 122 19.79 2.82 5.25
N ILE A 123 18.93 2.36 6.18
CA ILE A 123 17.89 1.38 5.86
C ILE A 123 16.91 2.00 4.87
N THR A 124 16.45 3.24 5.14
CA THR A 124 15.49 3.95 4.29
C THR A 124 15.98 4.13 2.85
N ALA A 125 17.29 4.37 2.68
CA ALA A 125 17.87 4.51 1.35
C ALA A 125 17.56 3.25 0.53
N LEU A 126 17.56 2.06 1.17
CA LEU A 126 17.32 0.80 0.43
C LEU A 126 15.86 0.57 0.04
N VAL A 127 14.91 1.16 0.76
CA VAL A 127 13.48 0.95 0.47
C VAL A 127 12.87 2.11 -0.34
N HIS A 128 13.61 3.24 -0.50
CA HIS A 128 12.99 4.47 -0.94
C HIS A 128 12.41 4.46 -2.35
N ASP A 129 12.76 3.48 -3.21
CA ASP A 129 12.21 3.41 -4.56
C ASP A 129 11.65 2.03 -4.88
N LEU A 130 11.22 1.26 -3.86
CA LEU A 130 10.74 -0.11 -4.13
C LEU A 130 9.68 -0.21 -5.23
N ASP A 131 9.91 -1.12 -6.18
CA ASP A 131 8.97 -1.42 -7.28
C ASP A 131 8.78 -0.28 -8.27
N HIS A 132 9.78 0.61 -8.40
CA HIS A 132 9.75 1.67 -9.42
C HIS A 132 9.74 0.96 -10.78
N MET A 133 8.99 1.50 -11.76
CA MET A 133 8.84 0.91 -13.09
CA MET A 133 8.88 0.91 -13.10
C MET A 133 9.49 1.82 -14.15
N GLY A 134 10.25 2.81 -13.69
CA GLY A 134 10.91 3.76 -14.58
C GLY A 134 9.94 4.78 -15.14
N LEU A 135 8.83 5.00 -14.43
CA LEU A 135 7.82 5.96 -14.83
C LEU A 135 7.56 6.91 -13.69
N ASN A 136 7.50 8.20 -13.98
CA ASN A 136 7.31 9.18 -12.89
C ASN A 136 5.84 9.28 -12.39
N ASN A 137 5.59 10.05 -11.30
CA ASN A 137 4.24 10.21 -10.74
C ASN A 137 3.26 10.72 -11.80
N SER A 138 3.68 11.74 -12.56
CA SER A 138 2.84 12.34 -13.61
C SER A 138 2.29 11.28 -14.57
N PHE A 139 3.11 10.31 -15.00
CA PHE A 139 2.69 9.24 -15.92
C PHE A 139 1.44 8.51 -15.42
N TYR A 140 1.44 8.12 -14.14
CA TYR A 140 0.32 7.39 -13.54
C TYR A 140 -0.96 8.21 -13.54
N LEU A 141 -0.84 9.53 -13.38
CA LEU A 141 -2.02 10.40 -13.39
C LEU A 141 -2.54 10.73 -14.77
N LYS A 142 -1.63 10.96 -15.74
CA LYS A 142 -2.00 11.30 -17.13
C LYS A 142 -2.67 10.12 -17.83
N THR A 143 -2.26 8.88 -17.50
CA THR A 143 -2.77 7.64 -18.10
C THR A 143 -3.91 7.01 -17.31
N GLU A 144 -4.20 7.56 -16.12
CA GLU A 144 -5.22 7.02 -15.22
C GLU A 144 -4.93 5.56 -14.88
N SER A 145 -3.64 5.26 -14.66
CA SER A 145 -3.19 3.94 -14.26
C SER A 145 -3.68 3.61 -12.83
N PRO A 146 -3.93 2.31 -12.51
CA PRO A 146 -4.40 1.95 -11.16
C PRO A 146 -3.71 2.64 -9.97
N LEU A 147 -2.35 2.76 -9.98
CA LEU A 147 -1.68 3.46 -8.87
C LEU A 147 -2.02 4.95 -8.79
N GLY A 148 -2.31 5.57 -9.96
CA GLY A 148 -2.71 6.97 -10.04
C GLY A 148 -4.11 7.15 -9.49
N ILE A 149 -5.04 6.26 -9.91
CA ILE A 149 -6.43 6.25 -9.46
C ILE A 149 -6.44 6.12 -7.92
N LEU A 150 -5.65 5.16 -7.39
CA LEU A 150 -5.54 4.91 -5.96
C LEU A 150 -5.07 6.16 -5.23
N SER A 151 -4.03 6.84 -5.77
CA SER A 151 -3.46 8.06 -5.22
C SER A 151 -4.53 9.18 -5.16
N SER A 152 -5.23 9.43 -6.29
CA SER A 152 -6.29 10.42 -6.42
C SER A 152 -7.41 10.19 -5.40
N ALA A 153 -7.94 8.95 -5.33
CA ALA A 153 -9.04 8.57 -4.43
C ALA A 153 -8.69 8.63 -2.96
N SER A 154 -7.44 8.35 -2.61
CA SER A 154 -6.98 8.36 -1.24
C SER A 154 -6.49 9.74 -0.76
N GLY A 155 -6.39 10.69 -1.68
CA GLY A 155 -5.93 12.05 -1.39
C GLY A 155 -4.44 12.19 -1.15
N ASN A 156 -3.62 11.30 -1.75
CA ASN A 156 -2.16 11.34 -1.62
C ASN A 156 -1.58 11.61 -3.01
N LYS A 157 -1.01 12.81 -3.25
CA LYS A 157 -0.50 13.11 -4.58
C LYS A 157 0.85 12.44 -4.92
N SER A 158 1.58 11.92 -3.91
CA SER A 158 2.88 11.27 -4.16
C SER A 158 2.65 9.80 -4.54
N VAL A 159 2.20 9.59 -5.79
CA VAL A 159 1.81 8.29 -6.31
C VAL A 159 2.80 7.16 -5.97
N LEU A 160 4.04 7.31 -6.40
CA LEU A 160 5.04 6.27 -6.18
C LEU A 160 5.57 6.24 -4.76
N GLU A 161 5.75 7.39 -4.13
CA GLU A 161 6.33 7.41 -2.78
C GLU A 161 5.48 6.71 -1.74
N VAL A 162 4.14 6.83 -1.84
CA VAL A 162 3.27 6.11 -0.93
C VAL A 162 3.37 4.62 -1.22
N HIS A 163 3.48 4.26 -2.52
CA HIS A 163 3.61 2.86 -2.94
C HIS A 163 4.91 2.30 -2.30
N HIS A 164 6.06 3.05 -2.41
CA HIS A 164 7.33 2.62 -1.82
C HIS A 164 7.18 2.38 -0.33
N CYS A 165 6.46 3.30 0.41
CA CYS A 165 6.20 3.10 1.84
C CYS A 165 5.39 1.81 2.11
N ASN A 166 4.33 1.52 1.30
CA ASN A 166 3.53 0.31 1.51
C ASN A 166 4.37 -0.94 1.46
N LEU A 167 5.27 -1.01 0.47
CA LEU A 167 6.13 -2.19 0.29
C LEU A 167 7.19 -2.29 1.34
N ALA A 168 7.69 -1.12 1.81
CA ALA A 168 8.68 -1.14 2.89
C ALA A 168 8.08 -1.77 4.13
N VAL A 169 6.86 -1.31 4.49
CA VAL A 169 6.12 -1.81 5.66
C VAL A 169 5.85 -3.31 5.50
N GLU A 170 5.48 -3.74 4.29
CA GLU A 170 5.25 -5.16 4.01
C GLU A 170 6.51 -5.99 4.29
N ILE A 171 7.67 -5.54 3.77
CA ILE A 171 8.93 -6.25 3.98
C ILE A 171 9.23 -6.38 5.46
N LEU A 172 9.08 -5.26 6.16
CA LEU A 172 9.36 -5.24 7.58
C LEU A 172 8.30 -5.98 8.43
N SER A 173 7.15 -6.38 7.86
CA SER A 173 6.11 -7.08 8.62
C SER A 173 6.51 -8.54 8.86
N ASP A 174 7.50 -9.07 8.10
CA ASP A 174 8.06 -10.42 8.24
C ASP A 174 9.17 -10.34 9.31
N PRO A 175 9.03 -10.98 10.49
CA PRO A 175 10.10 -10.87 11.51
C PRO A 175 11.49 -11.23 10.99
N GLU A 176 11.56 -12.10 9.97
CA GLU A 176 12.85 -12.55 9.46
C GLU A 176 13.56 -11.50 8.63
N SER A 177 12.86 -10.42 8.29
CA SER A 177 13.46 -9.29 7.55
C SER A 177 13.20 -7.97 8.26
N ASP A 178 12.74 -8.04 9.52
CA ASP A 178 12.44 -6.81 10.24
C ASP A 178 13.69 -6.27 10.90
N VAL A 179 14.39 -5.38 10.16
CA VAL A 179 15.60 -4.74 10.67
C VAL A 179 15.32 -3.87 11.86
N PHE A 180 14.03 -3.55 12.15
CA PHE A 180 13.66 -2.74 13.30
C PHE A 180 13.09 -3.64 14.42
N GLY A 181 13.18 -4.95 14.21
CA GLY A 181 12.69 -5.98 15.12
C GLY A 181 13.35 -6.01 16.49
N GLY A 182 14.57 -5.45 16.59
CA GLY A 182 15.35 -5.38 17.83
C GLY A 182 15.09 -4.15 18.67
N LEU A 183 14.25 -3.24 18.14
CA LEU A 183 13.82 -2.00 18.81
C LEU A 183 12.49 -2.16 19.53
N GLU A 184 12.23 -1.29 20.50
CA GLU A 184 10.97 -1.32 21.23
C GLU A 184 10.47 0.09 21.48
N GLY A 185 9.19 0.19 21.84
CA GLY A 185 8.52 1.44 22.21
C GLY A 185 8.74 2.63 21.30
N ALA A 186 9.13 3.76 21.91
CA ALA A 186 9.35 5.01 21.19
C ALA A 186 10.37 4.85 20.06
N GLU A 187 11.40 3.99 20.26
CA GLU A 187 12.47 3.74 19.27
C GLU A 187 11.92 3.09 18.02
N ARG A 188 11.14 2.03 18.19
CA ARG A 188 10.52 1.34 17.07
C ARG A 188 9.59 2.31 16.31
N THR A 189 8.79 3.11 17.05
CA THR A 189 7.88 4.09 16.45
C THR A 189 8.67 5.13 15.67
N LEU A 190 9.79 5.63 16.25
CA LEU A 190 10.65 6.62 15.56
C LEU A 190 11.17 5.99 14.26
N ALA A 191 11.62 4.72 14.31
CA ALA A 191 12.19 4.08 13.11
C ALA A 191 11.18 4.03 11.96
N PHE A 192 9.95 3.54 12.22
CA PHE A 192 8.95 3.50 11.15
C PHE A 192 8.52 4.88 10.71
N ARG A 193 8.28 5.79 11.68
CA ARG A 193 7.83 7.15 11.35
C ARG A 193 8.86 7.90 10.51
N SER A 194 10.14 7.91 10.95
CA SER A 194 11.23 8.57 10.25
C SER A 194 11.44 7.99 8.86
N MET A 195 11.37 6.64 8.72
CA MET A 195 11.55 6.00 7.40
C MET A 195 10.47 6.48 6.42
N ILE A 196 9.22 6.41 6.85
CA ILE A 196 8.06 6.80 6.04
C ILE A 196 8.15 8.29 5.68
N ASP A 197 8.45 9.19 6.65
CA ASP A 197 8.59 10.62 6.35
C ASP A 197 9.72 10.90 5.36
N CYS A 198 10.86 10.17 5.49
CA CYS A 198 11.98 10.29 4.59
C CYS A 198 11.61 9.89 3.18
N VAL A 199 10.89 8.76 3.04
CA VAL A 199 10.46 8.29 1.72
C VAL A 199 9.48 9.29 1.10
N LEU A 200 8.53 9.78 1.90
CA LEU A 200 7.57 10.76 1.36
C LEU A 200 8.25 12.07 0.94
N ALA A 201 9.36 12.44 1.61
CA ALA A 201 10.16 13.62 1.29
C ALA A 201 10.92 13.56 -0.05
N THR A 202 10.99 12.34 -0.68
CA THR A 202 11.68 12.17 -1.95
C THR A 202 10.86 12.58 -3.17
N ASP A 203 9.57 12.94 -3.00
CA ASP A 203 8.73 13.38 -4.11
C ASP A 203 9.29 14.76 -4.56
N MET A 204 9.90 14.83 -5.75
CA MET A 204 10.51 16.09 -6.24
C MET A 204 9.50 17.23 -6.49
N ALA A 205 8.19 16.92 -6.57
CA ALA A 205 7.16 17.95 -6.68
C ALA A 205 7.17 18.77 -5.37
N ARG A 206 7.70 18.17 -4.26
CA ARG A 206 7.80 18.83 -2.95
C ARG A 206 9.23 19.30 -2.64
N HIS A 207 10.13 19.30 -3.64
CA HIS A 207 11.53 19.67 -3.44
C HIS A 207 11.72 21.01 -2.69
N SER A 208 11.17 22.10 -3.26
CA SER A 208 11.31 23.43 -2.64
C SER A 208 10.63 23.53 -1.27
N GLU A 209 9.52 22.78 -1.09
CA GLU A 209 8.79 22.74 0.17
C GLU A 209 9.73 22.19 1.28
N PHE A 210 10.28 20.96 1.11
CA PHE A 210 11.21 20.41 2.10
C PHE A 210 12.46 21.24 2.29
N LEU A 211 13.08 21.73 1.19
CA LEU A 211 14.30 22.55 1.24
C LEU A 211 14.08 23.84 2.03
N GLU A 212 13.04 24.61 1.69
CA GLU A 212 12.81 25.88 2.39
C GLU A 212 12.33 25.66 3.85
N LYS A 213 11.58 24.56 4.13
CA LYS A 213 11.16 24.23 5.49
C LYS A 213 12.38 23.94 6.39
N TYR A 214 13.40 23.28 5.83
CA TYR A 214 14.63 22.98 6.55
C TYR A 214 15.42 24.26 6.81
N LEU A 215 15.62 25.08 5.75
CA LEU A 215 16.37 26.34 5.84
C LEU A 215 15.77 27.33 6.82
N GLU A 216 14.44 27.35 6.98
CA GLU A 216 13.79 28.24 7.95
C GLU A 216 13.96 27.75 9.37
N LEU A 217 13.90 26.42 9.59
CA LEU A 217 14.11 25.88 10.94
C LEU A 217 15.55 26.13 11.35
N MET A 218 16.47 26.22 10.37
CA MET A 218 17.89 26.48 10.62
C MET A 218 18.29 27.95 10.70
N LYS A 219 17.30 28.88 10.61
CA LYS A 219 17.55 30.31 10.74
C LYS A 219 17.78 30.64 12.23
N THR A 220 17.17 29.85 13.12
CA THR A 220 17.36 29.87 14.57
C THR A 220 18.19 28.60 14.87
N SER A 221 19.28 28.73 15.65
CA SER A 221 20.24 27.67 16.02
C SER A 221 19.69 26.23 16.00
N TYR A 222 20.37 25.33 15.25
CA TYR A 222 20.01 23.91 15.12
C TYR A 222 19.86 23.28 16.50
N ASN A 223 18.73 22.62 16.76
CA ASN A 223 18.44 21.99 18.04
C ASN A 223 18.40 20.47 17.86
N VAL A 224 19.54 19.82 18.13
CA VAL A 224 19.71 18.36 18.02
C VAL A 224 18.88 17.62 19.06
N ASP A 225 18.35 18.38 20.05
CA ASP A 225 17.44 17.91 21.09
C ASP A 225 16.00 17.90 20.52
N ASP A 226 15.74 18.66 19.41
CA ASP A 226 14.42 18.76 18.76
C ASP A 226 14.13 17.68 17.68
N SER A 227 12.89 17.13 17.71
CA SER A 227 12.37 16.08 16.83
C SER A 227 12.22 16.54 15.37
N ASP A 228 11.56 17.69 15.16
CA ASP A 228 11.33 18.33 13.86
C ASP A 228 12.66 18.69 13.20
N HIS A 229 13.62 19.23 13.99
CA HIS A 229 14.94 19.57 13.48
C HIS A 229 15.65 18.33 12.92
N ARG A 230 15.69 17.20 13.69
CA ARG A 230 16.38 15.98 13.22
C ARG A 230 15.66 15.33 12.04
N GLN A 231 14.31 15.30 12.07
CA GLN A 231 13.51 14.74 10.95
C GLN A 231 13.75 15.55 9.67
N MET A 232 13.77 16.88 9.76
CA MET A 232 14.06 17.69 8.60
C MET A 232 15.46 17.45 8.08
N THR A 233 16.47 17.22 8.96
CA THR A 233 17.81 16.88 8.55
C THR A 233 17.78 15.52 7.82
N MET A 234 17.03 14.54 8.39
CA MET A 234 16.90 13.21 7.76
C MET A 234 16.27 13.35 6.35
N ASP A 235 15.19 14.15 6.23
CA ASP A 235 14.52 14.36 4.91
C ASP A 235 15.51 14.98 3.93
N VAL A 236 16.23 16.03 4.37
CA VAL A 236 17.23 16.70 3.56
C VAL A 236 18.39 15.78 3.16
N LEU A 237 18.80 14.86 4.05
CA LEU A 237 19.85 13.94 3.67
C LEU A 237 19.36 12.86 2.69
N MET A 238 18.13 12.37 2.86
CA MET A 238 17.53 11.41 1.92
C MET A 238 17.43 12.10 0.55
N LYS A 239 16.91 13.34 0.54
CA LYS A 239 16.83 14.11 -0.70
C LYS A 239 18.21 14.29 -1.33
N ALA A 240 19.26 14.63 -0.52
CA ALA A 240 20.62 14.82 -0.99
C ALA A 240 21.19 13.57 -1.63
N GLY A 241 20.94 12.40 -1.03
CA GLY A 241 21.40 11.17 -1.66
C GLY A 241 20.71 10.95 -2.99
N ASP A 242 19.40 11.27 -3.06
CA ASP A 242 18.62 11.09 -4.30
C ASP A 242 19.12 11.95 -5.45
N ILE A 243 19.61 13.18 -5.14
CA ILE A 243 20.10 14.07 -6.19
C ILE A 243 21.64 14.20 -6.18
N SER A 244 22.34 13.21 -5.57
CA SER A 244 23.80 13.21 -5.44
C SER A 244 24.61 12.77 -6.67
N ASN A 245 23.98 12.30 -7.76
CA ASN A 245 24.77 11.84 -8.93
C ASN A 245 25.65 12.96 -9.49
N VAL A 246 25.20 14.21 -9.37
CA VAL A 246 25.98 15.37 -9.87
C VAL A 246 27.20 15.70 -8.99
N THR A 247 27.31 15.11 -7.76
CA THR A 247 28.39 15.38 -6.79
C THR A 247 29.58 14.40 -6.93
N LYS A 248 29.46 13.42 -7.83
CA LYS A 248 30.44 12.35 -8.03
C LYS A 248 31.58 12.66 -9.02
N PRO A 249 32.67 11.84 -9.11
CA PRO A 249 33.68 12.09 -10.17
C PRO A 249 32.99 12.02 -11.55
N PHE A 250 33.49 12.78 -12.56
CA PHE A 250 32.81 12.90 -13.85
C PHE A 250 32.44 11.61 -14.53
N ASP A 251 33.37 10.67 -14.66
CA ASP A 251 33.08 9.36 -15.29
C ASP A 251 31.84 8.70 -14.67
N ILE A 252 31.65 8.91 -13.35
CA ILE A 252 30.53 8.33 -12.61
C ILE A 252 29.24 9.13 -12.87
N SER A 253 29.31 10.45 -12.66
CA SER A 253 28.20 11.40 -12.86
C SER A 253 27.64 11.26 -14.28
N ARG A 254 28.52 11.11 -15.29
CA ARG A 254 28.14 10.91 -16.70
C ARG A 254 27.35 9.61 -16.91
N GLN A 255 27.83 8.48 -16.31
CA GLN A 255 27.14 7.18 -16.42
C GLN A 255 25.74 7.25 -15.79
N TRP A 256 25.57 7.99 -14.64
CA TRP A 256 24.25 8.16 -14.04
C TRP A 256 23.35 8.96 -15.01
N ALA A 257 23.90 10.02 -15.63
CA ALA A 257 23.19 10.87 -16.60
C ALA A 257 22.72 10.05 -17.80
N MET A 258 23.56 9.13 -18.30
CA MET A 258 23.19 8.24 -19.40
C MET A 258 22.00 7.35 -19.02
N ALA A 259 22.06 6.74 -17.82
CA ALA A 259 21.03 5.85 -17.30
C ALA A 259 19.68 6.59 -17.12
N VAL A 260 19.70 7.78 -16.47
CA VAL A 260 18.47 8.55 -16.26
C VAL A 260 17.84 8.97 -17.61
N THR A 261 18.70 9.38 -18.57
CA THR A 261 18.26 9.77 -19.93
C THR A 261 17.54 8.62 -20.60
N GLU A 262 18.15 7.41 -20.63
CA GLU A 262 17.55 6.23 -21.24
C GLU A 262 16.22 5.90 -20.58
N GLU A 263 16.16 5.96 -19.23
CA GLU A 263 14.90 5.69 -18.55
C GLU A 263 13.82 6.69 -18.95
N PHE A 264 14.13 8.01 -18.89
CA PHE A 264 13.22 9.11 -19.23
C PHE A 264 12.70 8.96 -20.66
N TYR A 265 13.60 8.60 -21.60
CA TYR A 265 13.24 8.40 -23.02
C TYR A 265 12.26 7.23 -23.20
N ARG A 266 12.41 6.16 -22.39
CA ARG A 266 11.48 5.04 -22.45
C ARG A 266 10.09 5.45 -21.98
N GLN A 267 10.04 6.35 -20.98
CA GLN A 267 8.74 6.85 -20.51
C GLN A 267 8.10 7.65 -21.67
N GLY A 268 8.88 8.55 -22.27
CA GLY A 268 8.44 9.39 -23.38
C GLY A 268 7.93 8.57 -24.54
N ASP A 269 8.60 7.43 -24.84
CA ASP A 269 8.13 6.53 -25.92
C ASP A 269 6.78 5.91 -25.54
N MET A 270 6.64 5.49 -24.25
CA MET A 270 5.36 4.94 -23.78
C MET A 270 4.21 5.95 -23.80
N GLU A 271 4.51 7.22 -23.50
CA GLU A 271 3.53 8.31 -23.54
C GLU A 271 3.12 8.55 -24.99
N LYS A 272 4.10 8.56 -25.93
CA LYS A 272 3.79 8.71 -27.36
C LYS A 272 2.84 7.58 -27.82
N GLU A 273 3.10 6.33 -27.40
CA GLU A 273 2.27 5.16 -27.77
C GLU A 273 0.85 5.26 -27.16
N ARG A 274 0.70 5.93 -26.01
CA ARG A 274 -0.58 6.04 -25.30
C ARG A 274 -1.36 7.33 -25.63
N GLY A 275 -0.77 8.18 -26.46
CA GLY A 275 -1.38 9.44 -26.87
C GLY A 275 -1.45 10.49 -25.79
N VAL A 276 -0.51 10.44 -24.78
CA VAL A 276 -0.51 11.44 -23.71
C VAL A 276 0.63 12.44 -23.91
N GLU A 277 0.55 13.61 -23.23
CA GLU A 277 1.54 14.68 -23.30
C GLU A 277 2.94 14.15 -22.92
N VAL A 278 3.98 14.54 -23.70
CA VAL A 278 5.40 14.17 -23.47
C VAL A 278 6.20 15.47 -23.24
N LEU A 279 6.85 15.59 -22.06
CA LEU A 279 7.68 16.77 -21.80
C LEU A 279 9.00 16.60 -22.56
N PRO A 280 9.62 17.69 -23.06
CA PRO A 280 10.84 17.56 -23.89
C PRO A 280 11.97 16.70 -23.32
N MET A 281 12.12 16.68 -21.99
CA MET A 281 13.13 15.90 -21.25
C MET A 281 12.99 14.38 -21.49
N PHE A 282 11.77 13.92 -21.84
CA PHE A 282 11.43 12.50 -22.05
C PHE A 282 11.29 12.10 -23.55
N ASP A 283 11.56 13.03 -24.48
CA ASP A 283 11.45 12.82 -25.93
C ASP A 283 12.70 12.16 -26.59
N ARG A 284 12.60 10.87 -26.95
CA ARG A 284 13.70 10.06 -27.52
C ARG A 284 14.10 10.49 -28.94
N SER A 285 13.13 10.50 -29.88
CA SER A 285 13.31 10.89 -31.30
C SER A 285 13.83 12.33 -31.42
N LYS A 286 13.19 13.30 -30.71
CA LYS A 286 13.66 14.69 -30.63
C LYS A 286 14.91 14.58 -29.76
N ASN A 287 15.96 15.37 -30.03
CA ASN A 287 17.12 15.18 -29.18
C ASN A 287 17.78 16.42 -28.63
N MET A 288 18.07 16.31 -27.33
CA MET A 288 18.71 17.28 -26.45
C MET A 288 20.07 16.72 -26.04
N GLU A 289 21.09 17.60 -26.00
CA GLU A 289 22.44 17.27 -25.59
C GLU A 289 22.43 16.89 -24.11
N LEU A 290 23.04 15.74 -23.78
CA LEU A 290 23.17 15.24 -22.41
C LEU A 290 23.70 16.36 -21.49
N ALA A 291 24.69 17.11 -21.97
CA ALA A 291 25.35 18.24 -21.32
C ALA A 291 24.37 19.35 -20.92
N LYS A 292 23.43 19.71 -21.84
CA LYS A 292 22.38 20.71 -21.59
C LYS A 292 21.44 20.26 -20.46
N GLY A 293 21.06 18.98 -20.48
CA GLY A 293 20.18 18.39 -19.48
C GLY A 293 20.78 18.45 -18.08
N GLN A 294 22.05 18.07 -17.98
CA GLN A 294 22.78 18.09 -16.69
C GLN A 294 23.00 19.51 -16.15
N ILE A 295 23.30 20.48 -17.04
CA ILE A 295 23.47 21.88 -16.64
C ILE A 295 22.16 22.44 -16.04
N GLY A 296 21.03 22.16 -16.70
CA GLY A 296 19.72 22.60 -16.25
C GLY A 296 19.39 22.04 -14.87
N PHE A 297 19.65 20.74 -14.71
CA PHE A 297 19.43 20.01 -13.45
C PHE A 297 20.29 20.61 -12.33
N ILE A 298 21.56 20.87 -12.60
CA ILE A 298 22.46 21.52 -11.63
C ILE A 298 22.00 22.96 -11.29
N ASP A 299 21.76 23.81 -12.32
CA ASP A 299 21.41 25.22 -12.11
C ASP A 299 20.12 25.46 -11.34
N PHE A 300 19.04 24.76 -11.70
CA PHE A 300 17.73 24.97 -11.09
C PHE A 300 17.41 24.03 -9.95
N VAL A 301 18.17 22.92 -9.82
CA VAL A 301 17.88 21.98 -8.73
C VAL A 301 19.09 21.75 -7.77
N ALA A 302 20.10 20.99 -8.24
CA ALA A 302 21.22 20.49 -7.44
C ALA A 302 22.12 21.55 -6.80
N ALA A 303 22.68 22.47 -7.61
CA ALA A 303 23.56 23.51 -7.09
C ALA A 303 22.92 24.39 -6.00
N PRO A 304 21.69 24.97 -6.16
CA PRO A 304 21.09 25.74 -5.06
C PRO A 304 20.84 24.87 -3.83
N PHE A 305 20.36 23.63 -4.02
CA PHE A 305 20.10 22.73 -2.89
C PHE A 305 21.36 22.51 -2.02
N PHE A 306 22.48 22.07 -2.63
CA PHE A 306 23.70 21.76 -1.86
C PHE A 306 24.35 23.01 -1.30
N GLN A 307 24.42 24.10 -2.09
CA GLN A 307 25.00 25.35 -1.59
C GLN A 307 24.28 25.83 -0.33
N LYS A 308 22.92 25.83 -0.35
CA LYS A 308 22.07 26.32 0.73
C LYS A 308 22.16 25.45 2.00
N ILE A 309 22.17 24.10 1.83
CA ILE A 309 22.22 23.24 3.00
C ILE A 309 23.63 23.28 3.64
N VAL A 310 24.70 23.39 2.81
CA VAL A 310 26.11 23.50 3.26
C VAL A 310 26.27 24.81 4.04
N ASP A 311 25.83 25.95 3.46
CA ASP A 311 25.93 27.26 4.09
C ASP A 311 25.10 27.40 5.38
N ALA A 312 23.91 26.77 5.47
CA ALA A 312 23.08 26.90 6.67
C ALA A 312 23.52 26.05 7.85
N CYS A 313 24.16 24.88 7.59
CA CYS A 313 24.46 23.94 8.67
C CYS A 313 25.48 22.87 8.32
N LEU A 314 25.45 22.31 7.10
CA LEU A 314 26.28 21.15 6.72
C LEU A 314 27.63 21.48 6.11
N GLN A 315 28.48 22.25 6.86
CA GLN A 315 29.81 22.67 6.43
C GLN A 315 30.70 21.53 5.98
N GLY A 316 30.56 20.35 6.60
CA GLY A 316 31.35 19.18 6.22
C GLY A 316 31.05 18.59 4.87
N MET A 317 29.90 18.98 4.26
CA MET A 317 29.47 18.52 2.93
C MET A 317 29.85 19.53 1.81
N GLN A 318 30.81 20.45 2.08
CA GLN A 318 31.27 21.45 1.10
C GLN A 318 31.76 20.83 -0.24
N TRP A 319 32.35 19.60 -0.21
CA TRP A 319 32.84 18.91 -1.41
C TRP A 319 31.74 18.69 -2.46
N THR A 320 30.47 18.54 -2.00
CA THR A 320 29.30 18.28 -2.87
C THR A 320 29.11 19.50 -3.80
N VAL A 321 29.24 20.71 -3.22
CA VAL A 321 29.18 21.99 -3.95
C VAL A 321 30.32 22.05 -4.99
N ASP A 322 31.57 21.76 -4.57
CA ASP A 322 32.76 21.80 -5.44
C ASP A 322 32.68 20.84 -6.64
N ARG A 323 32.28 19.57 -6.39
CA ARG A 323 32.22 18.58 -7.47
C ARG A 323 31.12 18.87 -8.48
N THR A 324 29.99 19.45 -8.00
CA THR A 324 28.81 19.85 -8.79
C THR A 324 29.26 20.89 -9.83
N LYS A 325 30.03 21.91 -9.39
CA LYS A 325 30.61 22.99 -10.24
C LYS A 325 31.61 22.40 -11.26
N SER A 326 32.46 21.46 -10.81
CA SER A 326 33.48 20.77 -11.62
C SER A 326 32.85 20.00 -12.78
N ASN A 327 31.73 19.30 -12.48
CA ASN A 327 31.00 18.53 -13.47
C ASN A 327 30.20 19.48 -14.36
N ARG A 328 29.65 20.57 -13.78
CA ARG A 328 28.86 21.57 -14.52
C ARG A 328 29.73 22.25 -15.56
N ALA A 329 30.99 22.56 -15.20
CA ALA A 329 31.97 23.18 -16.08
C ALA A 329 32.44 22.17 -17.11
N GLN A 330 32.49 20.87 -16.73
CA GLN A 330 32.84 19.81 -17.66
C GLN A 330 31.74 19.60 -18.71
N TRP A 331 30.44 19.67 -18.31
CA TRP A 331 29.34 19.53 -19.27
C TRP A 331 29.33 20.72 -20.24
N GLU A 332 29.70 21.92 -19.76
CA GLU A 332 29.81 23.14 -20.58
C GLU A 332 30.86 22.95 -21.69
N ARG A 333 31.96 22.22 -21.39
CA ARG A 333 33.05 21.90 -22.32
C ARG A 333 32.57 20.90 -23.39
N VAL A 334 31.73 19.91 -22.98
CA VAL A 334 31.16 18.87 -23.83
C VAL A 334 30.33 19.49 -24.97
N LEU A 335 29.70 20.66 -24.73
CA LEU A 335 28.90 21.42 -25.69
C LEU A 335 29.70 21.85 -26.94
N THR B 6 3.41 -15.48 -6.38
CA THR B 6 3.25 -16.92 -6.50
C THR B 6 1.95 -17.26 -7.22
N ALA B 7 2.05 -18.08 -8.28
CA ALA B 7 0.91 -18.53 -9.08
C ALA B 7 0.14 -19.62 -8.35
N ILE B 8 -1.17 -19.72 -8.63
CA ILE B 8 -2.09 -20.72 -8.06
C ILE B 8 -1.76 -22.11 -8.64
N THR B 9 -1.74 -23.16 -7.80
CA THR B 9 -1.48 -24.54 -8.24
C THR B 9 -2.74 -25.20 -8.80
N ASN B 10 -2.55 -26.16 -9.74
CA ASN B 10 -3.65 -26.88 -10.39
C ASN B 10 -4.52 -27.66 -9.39
N ARG B 11 -3.90 -28.16 -8.30
CA ARG B 11 -4.58 -28.87 -7.20
C ARG B 11 -5.55 -27.90 -6.46
N GLU B 12 -5.12 -26.63 -6.24
CA GLU B 12 -5.95 -25.59 -5.60
C GLU B 12 -7.14 -25.24 -6.50
N ARG B 13 -6.89 -25.05 -7.82
CA ARG B 13 -7.91 -24.72 -8.82
C ARG B 13 -8.93 -25.86 -8.92
N GLU B 14 -8.43 -27.12 -9.06
CA GLU B 14 -9.28 -28.30 -9.19
C GLU B 14 -10.15 -28.55 -7.97
N ALA B 15 -9.63 -28.29 -6.74
CA ALA B 15 -10.39 -28.47 -5.48
C ALA B 15 -11.64 -27.59 -5.46
N VAL B 16 -11.58 -26.39 -6.07
CA VAL B 16 -12.72 -25.47 -6.14
C VAL B 16 -13.69 -25.89 -7.27
N LEU B 17 -13.15 -26.15 -8.50
CA LEU B 17 -13.95 -26.56 -9.67
C LEU B 17 -14.82 -27.81 -9.45
N ARG B 18 -14.36 -28.76 -8.63
CA ARG B 18 -15.09 -30.01 -8.36
C ARG B 18 -16.27 -29.85 -7.35
N ILE B 19 -16.45 -28.66 -6.73
CA ILE B 19 -17.54 -28.41 -5.77
C ILE B 19 -18.89 -28.29 -6.49
N GLU B 20 -19.93 -28.97 -5.97
CA GLU B 20 -21.31 -28.98 -6.50
C GLU B 20 -22.33 -28.40 -5.51
N PHE B 21 -23.44 -27.83 -6.04
CA PHE B 21 -24.53 -27.21 -5.27
C PHE B 21 -25.94 -27.69 -5.71
N PRO B 22 -26.42 -28.88 -5.27
CA PRO B 22 -27.76 -29.32 -5.69
C PRO B 22 -28.94 -28.76 -4.86
N ASN B 23 -28.98 -29.03 -3.53
CA ASN B 23 -30.05 -28.62 -2.60
C ASN B 23 -30.01 -27.16 -2.13
N VAL B 24 -28.99 -26.38 -2.56
CA VAL B 24 -28.83 -24.99 -2.13
C VAL B 24 -28.92 -24.02 -3.31
N ASP B 25 -29.47 -22.82 -3.05
CA ASP B 25 -29.56 -21.77 -4.07
C ASP B 25 -28.73 -20.58 -3.56
N VAL B 26 -27.55 -20.38 -4.15
CA VAL B 26 -26.61 -19.31 -3.77
C VAL B 26 -27.15 -17.88 -4.08
N THR B 27 -28.26 -17.77 -4.84
CA THR B 27 -28.86 -16.48 -5.19
C THR B 27 -30.00 -16.07 -4.22
N ASP B 28 -30.40 -16.95 -3.29
CA ASP B 28 -31.53 -16.69 -2.42
C ASP B 28 -31.15 -15.91 -1.14
N ILE B 29 -32.07 -15.08 -0.64
CA ILE B 29 -31.88 -14.31 0.60
C ILE B 29 -31.83 -15.22 1.86
N ASP B 30 -32.34 -16.46 1.73
CA ASP B 30 -32.32 -17.42 2.85
C ASP B 30 -31.07 -18.31 2.79
N PHE B 31 -30.19 -18.12 1.77
CA PHE B 31 -28.96 -18.91 1.64
C PHE B 31 -28.17 -18.92 2.92
N ASP B 32 -27.78 -20.13 3.36
CA ASP B 32 -27.06 -20.34 4.60
C ASP B 32 -25.61 -20.71 4.40
N LEU B 33 -24.73 -19.70 4.53
CA LEU B 33 -23.30 -19.95 4.37
C LEU B 33 -22.73 -20.81 5.49
N PHE B 34 -23.30 -20.73 6.73
CA PHE B 34 -22.82 -21.54 7.85
C PHE B 34 -23.09 -23.02 7.56
N GLN B 35 -24.28 -23.33 7.00
CA GLN B 35 -24.69 -24.69 6.58
C GLN B 35 -23.73 -25.22 5.51
N ALA B 36 -23.44 -24.39 4.46
CA ALA B 36 -22.53 -24.73 3.38
C ALA B 36 -21.11 -25.04 3.89
N ARG B 37 -20.62 -24.29 4.91
CA ARG B 37 -19.31 -24.50 5.51
C ARG B 37 -19.25 -25.82 6.29
N GLU B 38 -20.33 -26.13 7.03
CA GLU B 38 -20.44 -27.35 7.85
C GLU B 38 -20.77 -28.62 7.05
N SER B 39 -21.24 -28.48 5.79
CA SER B 39 -21.61 -29.60 4.93
C SER B 39 -20.41 -30.45 4.43
N THR B 40 -19.18 -29.87 4.38
CA THR B 40 -17.95 -30.55 3.95
C THR B 40 -16.77 -30.22 4.89
N ASP B 41 -15.68 -31.01 4.78
CA ASP B 41 -14.45 -30.87 5.55
C ASP B 41 -13.47 -29.86 4.90
N LYS B 42 -13.84 -29.26 3.74
CA LYS B 42 -13.07 -28.23 3.03
C LYS B 42 -13.96 -26.96 2.84
N PRO B 43 -14.30 -26.22 3.93
CA PRO B 43 -15.18 -25.06 3.77
C PRO B 43 -14.58 -23.90 2.96
N LEU B 44 -13.22 -23.78 2.88
CA LEU B 44 -12.60 -22.73 2.07
C LEU B 44 -12.83 -22.96 0.58
N ASP B 45 -12.80 -24.24 0.13
CA ASP B 45 -13.10 -24.58 -1.28
C ASP B 45 -14.57 -24.34 -1.59
N VAL B 46 -15.50 -24.71 -0.66
CA VAL B 46 -16.91 -24.44 -0.81
C VAL B 46 -17.16 -22.90 -0.92
N ALA B 47 -16.56 -22.12 0.00
CA ALA B 47 -16.68 -20.66 0.00
C ALA B 47 -16.23 -20.08 -1.33
N ALA B 48 -15.03 -20.49 -1.81
CA ALA B 48 -14.50 -20.02 -3.08
C ALA B 48 -15.40 -20.43 -4.25
N ALA B 49 -15.99 -21.65 -4.19
CA ALA B 49 -16.87 -22.09 -5.27
C ALA B 49 -18.19 -21.31 -5.31
N ILE B 50 -18.72 -20.88 -4.13
CA ILE B 50 -19.96 -20.06 -4.06
C ILE B 50 -19.71 -18.77 -4.83
N ALA B 51 -18.61 -18.06 -4.55
CA ALA B 51 -18.30 -16.78 -5.22
C ALA B 51 -18.13 -17.00 -6.72
N TYR B 52 -17.38 -18.06 -7.10
CA TYR B 52 -17.08 -18.45 -8.47
C TYR B 52 -18.32 -18.71 -9.30
N ARG B 53 -19.24 -19.54 -8.76
CA ARG B 53 -20.44 -19.92 -9.50
C ARG B 53 -21.48 -18.82 -9.50
N LEU B 54 -21.53 -18.04 -8.39
CA LEU B 54 -22.44 -16.90 -8.29
C LEU B 54 -22.06 -15.89 -9.37
N LEU B 55 -20.75 -15.60 -9.51
CA LEU B 55 -20.27 -14.64 -10.49
C LEU B 55 -20.43 -15.15 -11.92
N LEU B 56 -20.10 -16.42 -12.19
CA LEU B 56 -20.28 -16.99 -13.56
C LEU B 56 -21.76 -17.10 -13.96
N GLY B 57 -22.64 -17.34 -12.98
CA GLY B 57 -24.07 -17.44 -13.21
C GLY B 57 -24.73 -16.12 -13.56
N SER B 58 -24.09 -15.01 -13.18
CA SER B 58 -24.61 -13.66 -13.45
C SER B 58 -24.45 -13.22 -14.91
N GLY B 59 -23.50 -13.84 -15.63
CA GLY B 59 -23.19 -13.49 -17.02
C GLY B 59 -22.30 -12.27 -17.13
N LEU B 60 -21.98 -11.60 -16.00
CA LEU B 60 -21.14 -10.40 -15.95
C LEU B 60 -19.66 -10.63 -16.29
N PRO B 61 -18.92 -11.61 -15.73
CA PRO B 61 -17.51 -11.78 -16.13
C PRO B 61 -17.38 -12.01 -17.63
N GLN B 62 -18.32 -12.81 -18.21
CA GLN B 62 -18.37 -13.14 -19.65
C GLN B 62 -18.58 -11.90 -20.51
N LYS B 63 -19.50 -11.01 -20.09
CA LYS B 63 -19.81 -9.78 -20.79
C LYS B 63 -18.58 -8.83 -20.83
N PHE B 64 -17.80 -8.80 -19.74
CA PHE B 64 -16.67 -7.87 -19.66
C PHE B 64 -15.31 -8.51 -19.93
N GLY B 65 -15.31 -9.60 -20.71
CA GLY B 65 -14.10 -10.30 -21.15
C GLY B 65 -13.23 -10.91 -20.07
N CYS B 66 -13.82 -11.23 -18.89
CA CYS B 66 -13.07 -11.86 -17.81
C CYS B 66 -13.29 -13.36 -17.93
N SER B 67 -12.23 -14.10 -18.31
CA SER B 67 -12.28 -15.55 -18.48
C SER B 67 -12.57 -16.28 -17.15
N ASP B 68 -13.12 -17.51 -17.23
CA ASP B 68 -13.39 -18.35 -16.05
C ASP B 68 -12.13 -18.55 -15.22
N GLU B 69 -10.97 -18.76 -15.88
CA GLU B 69 -9.69 -18.99 -15.22
C GLU B 69 -9.16 -17.76 -14.48
N VAL B 70 -9.28 -16.57 -15.10
CA VAL B 70 -8.82 -15.33 -14.48
C VAL B 70 -9.68 -15.07 -13.24
N LEU B 71 -11.02 -15.31 -13.36
CA LEU B 71 -11.95 -15.18 -12.24
C LEU B 71 -11.56 -16.11 -11.10
N LEU B 72 -11.24 -17.39 -11.43
CA LEU B 72 -10.83 -18.36 -10.43
C LEU B 72 -9.50 -17.97 -9.75
N ASN B 73 -8.49 -17.58 -10.56
CA ASN B 73 -7.20 -17.17 -10.02
C ASN B 73 -7.41 -15.99 -9.08
N PHE B 74 -8.26 -15.02 -9.47
CA PHE B 74 -8.59 -13.84 -8.67
C PHE B 74 -9.20 -14.23 -7.33
N ILE B 75 -10.24 -15.09 -7.36
CA ILE B 75 -10.89 -15.53 -6.13
C ILE B 75 -9.88 -16.21 -5.18
N LEU B 76 -9.01 -17.06 -5.75
CA LEU B 76 -8.00 -17.79 -4.99
C LEU B 76 -6.89 -16.89 -4.48
N GLN B 77 -6.53 -15.82 -5.23
CA GLN B 77 -5.54 -14.83 -4.79
C GLN B 77 -6.16 -14.05 -3.63
N CYS B 78 -7.45 -13.72 -3.73
CA CYS B 78 -8.15 -13.04 -2.63
C CYS B 78 -8.15 -13.91 -1.40
N ARG B 79 -8.57 -15.19 -1.51
CA ARG B 79 -8.65 -16.15 -0.41
C ARG B 79 -7.31 -16.30 0.34
N LYS B 80 -6.17 -16.34 -0.38
CA LYS B 80 -4.83 -16.44 0.22
C LYS B 80 -4.51 -15.25 1.13
N LYS B 81 -5.12 -14.08 0.87
CA LYS B 81 -4.88 -12.84 1.62
C LYS B 81 -5.84 -12.63 2.81
N TYR B 82 -6.76 -13.59 3.07
CA TYR B 82 -7.60 -13.56 4.26
C TYR B 82 -7.00 -14.46 5.32
N ARG B 83 -7.11 -14.04 6.58
CA ARG B 83 -6.50 -14.69 7.72
C ARG B 83 -7.52 -15.51 8.52
N ASN B 84 -7.00 -16.33 9.45
CA ASN B 84 -7.82 -17.16 10.29
C ASN B 84 -8.17 -16.36 11.55
N VAL B 85 -9.13 -15.46 11.39
CA VAL B 85 -9.62 -14.61 12.49
C VAL B 85 -11.11 -14.96 12.66
N PRO B 86 -11.77 -14.68 13.81
CA PRO B 86 -13.15 -15.15 13.99
C PRO B 86 -14.20 -14.53 13.06
N TYR B 87 -14.03 -13.26 12.67
CA TYR B 87 -15.02 -12.62 11.83
C TYR B 87 -14.55 -12.23 10.45
N HIS B 88 -13.50 -11.39 10.38
CA HIS B 88 -12.97 -10.85 9.13
C HIS B 88 -12.10 -11.84 8.37
N ASN B 89 -12.67 -13.03 8.14
CA ASN B 89 -12.03 -14.09 7.37
C ASN B 89 -12.68 -14.16 5.97
N PHE B 90 -12.24 -15.11 5.14
CA PHE B 90 -12.78 -15.28 3.78
C PHE B 90 -14.30 -15.44 3.73
N TYR B 91 -14.89 -16.12 4.73
CA TYR B 91 -16.34 -16.33 4.76
C TYR B 91 -17.11 -15.02 4.85
N HIS B 92 -16.54 -14.01 5.52
CA HIS B 92 -17.24 -12.74 5.59
C HIS B 92 -17.35 -12.09 4.19
N VAL B 93 -16.26 -12.09 3.39
CA VAL B 93 -16.28 -11.41 2.08
C VAL B 93 -17.14 -12.17 1.06
N VAL B 94 -17.20 -13.50 1.18
CA VAL B 94 -18.09 -14.31 0.32
C VAL B 94 -19.52 -14.00 0.69
N ASP B 95 -19.79 -13.88 2.02
CA ASP B 95 -21.11 -13.51 2.49
C ASP B 95 -21.54 -12.14 1.92
N VAL B 96 -20.64 -11.11 2.03
CA VAL B 96 -20.93 -9.78 1.51
C VAL B 96 -21.23 -9.84 0.01
N CYS B 97 -20.42 -10.61 -0.77
CA CYS B 97 -20.60 -10.81 -2.21
C CYS B 97 -22.00 -11.39 -2.52
N GLN B 98 -22.33 -12.53 -1.87
CA GLN B 98 -23.63 -13.17 -2.03
C GLN B 98 -24.78 -12.22 -1.64
N THR B 99 -24.59 -11.43 -0.56
CA THR B 99 -25.61 -10.53 -0.07
C THR B 99 -25.85 -9.39 -1.04
N ILE B 100 -24.77 -8.79 -1.54
CA ILE B 100 -24.85 -7.72 -2.54
C ILE B 100 -25.58 -8.23 -3.79
N TYR B 101 -25.28 -9.49 -4.19
CA TYR B 101 -25.99 -10.12 -5.30
C TYR B 101 -27.51 -10.05 -5.08
N THR B 102 -28.01 -10.40 -3.86
CA THR B 102 -29.45 -10.37 -3.57
C THR B 102 -30.01 -8.94 -3.60
N PHE B 103 -29.23 -7.94 -3.12
CA PHE B 103 -29.65 -6.54 -3.18
C PHE B 103 -29.81 -6.09 -4.61
N LEU B 104 -28.86 -6.48 -5.47
CA LEU B 104 -28.88 -6.12 -6.88
C LEU B 104 -30.03 -6.80 -7.65
N TYR B 105 -30.20 -8.13 -7.50
CA TYR B 105 -31.12 -8.83 -8.35
C TYR B 105 -32.50 -9.01 -7.69
N ARG B 106 -32.59 -9.54 -6.46
CA ARG B 106 -33.88 -9.63 -5.75
C ARG B 106 -34.36 -8.21 -5.33
N GLY B 107 -33.42 -7.33 -4.94
CA GLY B 107 -33.76 -5.97 -4.54
C GLY B 107 -33.94 -4.98 -5.68
N ASN B 108 -33.64 -5.40 -6.93
CA ASN B 108 -33.74 -4.60 -8.17
C ASN B 108 -32.91 -3.31 -8.18
N VAL B 109 -31.83 -3.30 -7.40
CA VAL B 109 -30.96 -2.12 -7.40
C VAL B 109 -30.10 -2.12 -8.69
N TYR B 110 -30.05 -3.27 -9.39
CA TYR B 110 -29.30 -3.43 -10.64
C TYR B 110 -29.74 -2.42 -11.72
N GLU B 111 -31.01 -1.99 -11.66
CA GLU B 111 -31.62 -1.01 -12.59
C GLU B 111 -31.13 0.43 -12.33
N LYS B 112 -30.50 0.68 -11.17
CA LYS B 112 -29.98 2.00 -10.78
C LYS B 112 -28.50 2.16 -11.19
N LEU B 113 -27.91 1.09 -11.72
CA LEU B 113 -26.50 1.03 -12.09
C LEU B 113 -26.30 0.46 -13.47
N THR B 114 -25.06 0.61 -13.97
CA THR B 114 -24.69 0.02 -15.25
C THR B 114 -24.27 -1.41 -14.93
N GLU B 115 -24.27 -2.27 -15.96
CA GLU B 115 -23.83 -3.65 -15.86
C GLU B 115 -22.38 -3.73 -15.38
N LEU B 116 -21.52 -2.79 -15.84
CA LEU B 116 -20.11 -2.73 -15.43
C LEU B 116 -20.00 -2.52 -13.91
N GLU B 117 -20.82 -1.59 -13.38
CA GLU B 117 -20.91 -1.23 -11.98
C GLU B 117 -21.39 -2.40 -11.12
N CYS B 118 -22.35 -3.20 -11.63
CA CYS B 118 -22.80 -4.43 -10.93
C CYS B 118 -21.68 -5.43 -10.80
N PHE B 119 -20.90 -5.63 -11.89
CA PHE B 119 -19.74 -6.53 -11.91
C PHE B 119 -18.68 -6.03 -10.93
N VAL B 120 -18.40 -4.72 -10.94
CA VAL B 120 -17.42 -4.09 -10.05
C VAL B 120 -17.83 -4.33 -8.59
N LEU B 121 -19.13 -4.14 -8.26
CA LEU B 121 -19.63 -4.36 -6.89
C LEU B 121 -19.39 -5.75 -6.36
N LEU B 122 -19.73 -6.77 -7.18
CA LEU B 122 -19.51 -8.16 -6.81
C LEU B 122 -18.04 -8.47 -6.62
N ILE B 123 -17.18 -7.95 -7.53
CA ILE B 123 -15.72 -8.09 -7.45
C ILE B 123 -15.17 -7.38 -6.19
N THR B 124 -15.60 -6.15 -5.95
CA THR B 124 -15.19 -5.32 -4.80
C THR B 124 -15.54 -5.99 -3.47
N ALA B 125 -16.69 -6.67 -3.39
CA ALA B 125 -17.07 -7.41 -2.18
C ALA B 125 -15.95 -8.36 -1.73
N LEU B 126 -15.32 -9.04 -2.69
CA LEU B 126 -14.26 -10.00 -2.40
C LEU B 126 -12.93 -9.40 -1.97
N VAL B 127 -12.66 -8.12 -2.32
CA VAL B 127 -11.39 -7.50 -1.94
C VAL B 127 -11.54 -6.57 -0.74
N HIS B 128 -12.78 -6.20 -0.38
CA HIS B 128 -13.01 -5.08 0.54
C HIS B 128 -12.37 -5.20 1.95
N ASP B 129 -11.96 -6.43 2.39
CA ASP B 129 -11.30 -6.61 3.71
C ASP B 129 -9.97 -7.36 3.64
N LEU B 130 -9.31 -7.38 2.45
CA LEU B 130 -8.03 -8.08 2.29
C LEU B 130 -7.02 -7.84 3.43
N ASP B 131 -6.50 -8.94 3.96
CA ASP B 131 -5.46 -8.95 4.99
C ASP B 131 -5.92 -8.32 6.31
N HIS B 132 -7.22 -8.38 6.58
CA HIS B 132 -7.74 -7.93 7.88
C HIS B 132 -7.14 -8.86 8.96
N MET B 133 -6.68 -8.28 10.08
CA MET B 133 -6.05 -9.03 11.17
C MET B 133 -6.98 -9.19 12.38
N GLY B 134 -8.26 -8.87 12.20
CA GLY B 134 -9.25 -8.92 13.26
C GLY B 134 -9.08 -7.77 14.24
N LEU B 135 -8.41 -6.69 13.80
CA LEU B 135 -8.19 -5.49 14.63
C LEU B 135 -8.77 -4.28 13.89
N ASN B 136 -9.36 -3.33 14.64
CA ASN B 136 -9.97 -2.18 13.99
C ASN B 136 -8.93 -1.07 13.70
N ASN B 137 -9.32 0.02 12.97
CA ASN B 137 -8.38 1.10 12.66
C ASN B 137 -7.80 1.70 13.92
N SER B 138 -8.64 1.90 14.96
CA SER B 138 -8.21 2.50 16.22
C SER B 138 -7.04 1.74 16.84
N PHE B 139 -7.07 0.39 16.76
CA PHE B 139 -5.97 -0.44 17.29
C PHE B 139 -4.60 -0.01 16.76
N TYR B 140 -4.50 0.19 15.43
CA TYR B 140 -3.23 0.58 14.77
C TYR B 140 -2.75 1.91 15.21
N LEU B 141 -3.66 2.86 15.45
CA LEU B 141 -3.30 4.21 15.91
C LEU B 141 -2.90 4.23 17.37
N LYS B 142 -3.66 3.54 18.25
CA LYS B 142 -3.37 3.52 19.70
C LYS B 142 -2.04 2.87 19.99
N THR B 143 -1.69 1.81 19.22
CA THR B 143 -0.45 1.05 19.42
C THR B 143 0.71 1.59 18.61
N GLU B 144 0.47 2.57 17.75
CA GLU B 144 1.50 3.11 16.85
C GLU B 144 2.10 2.00 16.00
N SER B 145 1.22 1.10 15.55
CA SER B 145 1.62 -0.02 14.69
C SER B 145 2.01 0.51 13.29
N PRO B 146 2.92 -0.17 12.55
CA PRO B 146 3.37 0.39 11.25
C PRO B 146 2.27 0.87 10.30
N LEU B 147 1.18 0.11 10.13
CA LEU B 147 0.12 0.58 9.21
C LEU B 147 -0.57 1.88 9.71
N GLY B 148 -0.64 2.02 11.02
CA GLY B 148 -1.19 3.21 11.67
C GLY B 148 -0.30 4.42 11.41
N ILE B 149 1.03 4.23 11.57
CA ILE B 149 2.02 5.29 11.32
C ILE B 149 1.99 5.70 9.85
N LEU B 150 1.92 4.72 8.94
CA LEU B 150 1.82 4.98 7.51
C LEU B 150 0.57 5.84 7.20
N SER B 151 -0.56 5.53 7.88
CA SER B 151 -1.83 6.24 7.69
C SER B 151 -1.73 7.69 8.18
N SER B 152 -1.15 7.91 9.36
CA SER B 152 -0.97 9.25 9.93
C SER B 152 -0.05 10.11 9.07
N ALA B 153 0.99 9.51 8.48
CA ALA B 153 1.98 10.21 7.65
C ALA B 153 1.50 10.52 6.24
N SER B 154 0.72 9.61 5.65
CA SER B 154 0.23 9.75 4.29
C SER B 154 -0.99 10.67 4.20
N GLY B 155 -1.75 10.81 5.28
CA GLY B 155 -2.92 11.68 5.33
C GLY B 155 -4.30 11.03 5.32
N ASN B 156 -4.43 9.72 5.00
CA ASN B 156 -5.75 9.06 4.99
C ASN B 156 -5.90 8.28 6.26
N LYS B 157 -6.83 8.71 7.09
CA LYS B 157 -7.13 8.14 8.40
C LYS B 157 -7.79 6.74 8.33
N SER B 158 -8.28 6.31 7.15
CA SER B 158 -8.89 4.97 7.06
C SER B 158 -7.78 3.92 6.93
N VAL B 159 -7.15 3.58 8.07
CA VAL B 159 -5.99 2.67 8.15
C VAL B 159 -6.12 1.45 7.27
N LEU B 160 -7.09 0.60 7.57
CA LEU B 160 -7.25 -0.67 6.88
C LEU B 160 -7.83 -0.56 5.49
N GLU B 161 -8.78 0.36 5.27
CA GLU B 161 -9.43 0.48 3.96
C GLU B 161 -8.43 0.83 2.88
N VAL B 162 -7.48 1.72 3.20
CA VAL B 162 -6.43 2.05 2.24
C VAL B 162 -5.58 0.79 1.97
N HIS B 163 -5.25 0.01 3.02
CA HIS B 163 -4.47 -1.23 2.93
C HIS B 163 -5.18 -2.27 2.04
N HIS B 164 -6.51 -2.44 2.20
CA HIS B 164 -7.30 -3.35 1.36
C HIS B 164 -7.25 -2.91 -0.12
N CYS B 165 -7.36 -1.59 -0.39
CA CYS B 165 -7.27 -1.05 -1.76
C CYS B 165 -5.89 -1.37 -2.33
N ASN B 166 -4.82 -1.20 -1.51
CA ASN B 166 -3.46 -1.48 -1.97
C ASN B 166 -3.32 -2.91 -2.41
N LEU B 167 -3.84 -3.83 -1.62
CA LEU B 167 -3.71 -5.24 -1.95
C LEU B 167 -4.58 -5.63 -3.13
N ALA B 168 -5.76 -4.96 -3.28
CA ALA B 168 -6.67 -5.19 -4.42
C ALA B 168 -5.96 -4.81 -5.72
N VAL B 169 -5.36 -3.60 -5.78
CA VAL B 169 -4.62 -3.11 -6.95
C VAL B 169 -3.45 -4.07 -7.28
N GLU B 170 -2.79 -4.60 -6.23
CA GLU B 170 -1.70 -5.56 -6.40
C GLU B 170 -2.15 -6.88 -7.02
N ILE B 171 -3.29 -7.45 -6.56
CA ILE B 171 -3.83 -8.69 -7.13
C ILE B 171 -4.18 -8.44 -8.62
N LEU B 172 -4.81 -7.29 -8.92
CA LEU B 172 -5.26 -6.93 -10.26
C LEU B 172 -4.11 -6.57 -11.21
N SER B 173 -2.91 -6.31 -10.68
CA SER B 173 -1.73 -6.00 -11.50
C SER B 173 -1.20 -7.26 -12.21
N ASP B 174 -1.53 -8.46 -11.69
CA ASP B 174 -1.12 -9.73 -12.28
C ASP B 174 -2.15 -10.09 -13.36
N PRO B 175 -1.73 -10.12 -14.63
CA PRO B 175 -2.69 -10.40 -15.72
C PRO B 175 -3.49 -11.70 -15.54
N GLU B 176 -2.90 -12.68 -14.83
CA GLU B 176 -3.53 -13.97 -14.54
C GLU B 176 -4.74 -13.83 -13.57
N SER B 177 -4.81 -12.71 -12.84
CA SER B 177 -5.91 -12.47 -11.89
C SER B 177 -6.61 -11.12 -12.11
N ASP B 178 -6.33 -10.47 -13.25
CA ASP B 178 -6.91 -9.18 -13.58
C ASP B 178 -8.30 -9.33 -14.17
N VAL B 179 -9.32 -9.29 -13.29
CA VAL B 179 -10.73 -9.41 -13.67
C VAL B 179 -11.21 -8.22 -14.50
N PHE B 180 -10.42 -7.11 -14.52
CA PHE B 180 -10.69 -5.91 -15.30
C PHE B 180 -9.78 -5.84 -16.58
N GLY B 181 -8.99 -6.88 -16.81
CA GLY B 181 -8.07 -7.03 -17.93
C GLY B 181 -8.70 -7.13 -19.31
N GLY B 182 -9.99 -7.48 -19.37
CA GLY B 182 -10.75 -7.58 -20.61
C GLY B 182 -11.45 -6.27 -20.95
N LEU B 183 -11.26 -5.25 -20.09
CA LEU B 183 -11.87 -3.95 -20.28
C LEU B 183 -11.02 -2.99 -21.09
N GLU B 184 -11.71 -2.11 -21.84
CA GLU B 184 -11.15 -1.01 -22.65
C GLU B 184 -10.61 0.00 -21.62
N GLY B 185 -9.57 0.73 -21.99
CA GLY B 185 -8.92 1.73 -21.15
C GLY B 185 -9.86 2.57 -20.31
N ALA B 186 -10.88 3.18 -20.98
CA ALA B 186 -11.90 4.03 -20.32
C ALA B 186 -12.69 3.25 -19.27
N GLU B 187 -13.08 2.00 -19.60
CA GLU B 187 -13.86 1.12 -18.72
C GLU B 187 -13.01 0.67 -17.53
N ARG B 188 -11.70 0.48 -17.75
CA ARG B 188 -10.75 0.11 -16.70
C ARG B 188 -10.67 1.19 -15.64
N THR B 189 -10.64 2.48 -16.07
CA THR B 189 -10.58 3.65 -15.18
C THR B 189 -11.82 3.65 -14.30
N LEU B 190 -12.99 3.48 -14.93
CA LEU B 190 -14.30 3.42 -14.27
C LEU B 190 -14.29 2.28 -13.21
N ALA B 191 -13.81 1.09 -13.58
CA ALA B 191 -13.79 -0.09 -12.70
C ALA B 191 -12.88 0.11 -11.47
N PHE B 192 -11.60 0.47 -11.70
CA PHE B 192 -10.65 0.70 -10.61
C PHE B 192 -11.12 1.82 -9.68
N ARG B 193 -11.58 2.95 -10.26
CA ARG B 193 -12.05 4.09 -9.46
C ARG B 193 -13.24 3.74 -8.58
N SER B 194 -14.28 3.10 -9.15
CA SER B 194 -15.47 2.75 -8.36
C SER B 194 -15.14 1.67 -7.30
N MET B 195 -14.24 0.73 -7.62
CA MET B 195 -13.81 -0.32 -6.68
C MET B 195 -13.14 0.32 -5.46
N ILE B 196 -12.17 1.20 -5.70
CA ILE B 196 -11.44 1.91 -4.65
C ILE B 196 -12.39 2.80 -3.83
N ASP B 197 -13.26 3.58 -4.50
CA ASP B 197 -14.21 4.42 -3.80
C ASP B 197 -15.12 3.58 -2.89
N CYS B 198 -15.60 2.40 -3.38
CA CYS B 198 -16.46 1.51 -2.60
C CYS B 198 -15.75 1.03 -1.35
N VAL B 199 -14.49 0.58 -1.49
CA VAL B 199 -13.72 0.10 -0.33
C VAL B 199 -13.49 1.24 0.68
N LEU B 200 -13.09 2.41 0.19
CA LEU B 200 -12.89 3.56 1.09
C LEU B 200 -14.18 3.93 1.84
N ALA B 201 -15.37 3.68 1.21
CA ALA B 201 -16.66 3.96 1.84
C ALA B 201 -17.00 3.03 2.98
N THR B 202 -16.24 1.92 3.14
CA THR B 202 -16.57 0.93 4.19
C THR B 202 -16.06 1.30 5.59
N ASP B 203 -15.26 2.40 5.71
CA ASP B 203 -14.76 2.82 7.02
C ASP B 203 -15.95 3.30 7.87
N MET B 204 -16.29 2.57 8.97
CA MET B 204 -17.46 2.94 9.79
C MET B 204 -17.27 4.30 10.49
N ALA B 205 -16.04 4.85 10.52
CA ALA B 205 -15.85 6.20 11.08
C ALA B 205 -16.55 7.25 10.17
N ARG B 206 -16.79 6.90 8.90
CA ARG B 206 -17.42 7.76 7.92
C ARG B 206 -18.89 7.30 7.62
N HIS B 207 -19.45 6.42 8.48
CA HIS B 207 -20.80 5.83 8.25
C HIS B 207 -21.85 6.92 8.01
N SER B 208 -21.99 7.83 8.97
CA SER B 208 -22.99 8.90 8.89
C SER B 208 -22.78 9.86 7.74
N GLU B 209 -21.51 10.13 7.37
CA GLU B 209 -21.13 10.98 6.24
C GLU B 209 -21.64 10.37 4.91
N PHE B 210 -21.41 9.06 4.70
CA PHE B 210 -21.85 8.39 3.49
C PHE B 210 -23.36 8.30 3.39
N LEU B 211 -24.02 7.93 4.52
CA LEU B 211 -25.50 7.84 4.60
C LEU B 211 -26.12 9.21 4.29
N GLU B 212 -25.67 10.28 4.99
CA GLU B 212 -26.18 11.66 4.80
C GLU B 212 -26.00 12.15 3.36
N LYS B 213 -24.80 11.95 2.78
CA LYS B 213 -24.49 12.33 1.40
C LYS B 213 -25.45 11.66 0.42
N TYR B 214 -25.70 10.33 0.60
CA TYR B 214 -26.62 9.56 -0.24
C TYR B 214 -28.05 10.12 -0.13
N LEU B 215 -28.53 10.33 1.10
CA LEU B 215 -29.88 10.84 1.40
C LEU B 215 -30.13 12.25 0.87
N GLU B 216 -29.10 13.13 0.96
CA GLU B 216 -29.21 14.48 0.42
C GLU B 216 -29.35 14.43 -1.11
N LEU B 217 -28.59 13.53 -1.74
CA LEU B 217 -28.59 13.29 -3.18
C LEU B 217 -29.90 12.67 -3.67
N MET B 218 -30.46 11.71 -2.89
CA MET B 218 -31.70 11.02 -3.28
C MET B 218 -32.94 11.91 -3.18
N LYS B 219 -32.81 13.11 -2.59
CA LYS B 219 -33.91 14.08 -2.52
C LYS B 219 -34.16 14.66 -3.92
N THR B 220 -33.07 14.83 -4.72
CA THR B 220 -33.12 15.37 -6.09
C THR B 220 -33.40 14.28 -7.11
N VAL B 224 -31.26 9.83 -10.93
CA VAL B 224 -30.68 10.18 -12.22
C VAL B 224 -29.40 9.39 -12.48
N ASP B 225 -29.23 8.89 -13.72
CA ASP B 225 -28.01 8.18 -14.07
C ASP B 225 -26.88 9.15 -14.46
N ASP B 226 -26.34 9.80 -13.41
CA ASP B 226 -25.16 10.65 -13.41
C ASP B 226 -24.16 9.91 -12.52
N SER B 227 -22.87 9.90 -12.91
CA SER B 227 -21.79 9.17 -12.22
C SER B 227 -21.78 9.31 -10.68
N ASP B 228 -22.07 10.52 -10.14
CA ASP B 228 -22.10 10.77 -8.70
C ASP B 228 -23.20 10.01 -7.99
N HIS B 229 -24.43 9.99 -8.57
CA HIS B 229 -25.59 9.26 -8.04
C HIS B 229 -25.29 7.77 -8.06
N ARG B 230 -24.72 7.26 -9.17
CA ARG B 230 -24.38 5.85 -9.28
C ARG B 230 -23.28 5.44 -8.30
N GLN B 231 -22.26 6.29 -8.10
CA GLN B 231 -21.18 5.95 -7.16
C GLN B 231 -21.70 5.85 -5.74
N MET B 232 -22.57 6.81 -5.34
CA MET B 232 -23.15 6.80 -4.00
C MET B 232 -24.00 5.56 -3.79
N THR B 233 -24.76 5.13 -4.82
CA THR B 233 -25.56 3.88 -4.76
C THR B 233 -24.61 2.69 -4.51
N MET B 234 -23.53 2.61 -5.30
CA MET B 234 -22.52 1.56 -5.11
C MET B 234 -21.95 1.60 -3.69
N ASP B 235 -21.61 2.80 -3.20
CA ASP B 235 -21.06 2.94 -1.83
C ASP B 235 -22.06 2.42 -0.81
N VAL B 236 -23.33 2.81 -0.96
CA VAL B 236 -24.37 2.38 -0.03
C VAL B 236 -24.57 0.88 -0.07
N LEU B 237 -24.51 0.28 -1.27
CA LEU B 237 -24.67 -1.18 -1.38
C LEU B 237 -23.50 -1.91 -0.73
N MET B 238 -22.25 -1.38 -0.87
CA MET B 238 -21.08 -2.00 -0.23
C MET B 238 -21.27 -1.90 1.31
N LYS B 239 -21.67 -0.71 1.79
CA LYS B 239 -21.94 -0.50 3.21
C LYS B 239 -23.09 -1.41 3.71
N ALA B 240 -24.16 -1.53 2.92
CA ALA B 240 -25.30 -2.39 3.29
C ALA B 240 -24.86 -3.84 3.39
N GLY B 241 -23.97 -4.28 2.51
CA GLY B 241 -23.44 -5.64 2.59
C GLY B 241 -22.70 -5.84 3.89
N ASP B 242 -21.90 -4.83 4.29
CA ASP B 242 -21.11 -4.92 5.53
C ASP B 242 -21.95 -4.98 6.78
N ILE B 243 -23.12 -4.33 6.82
CA ILE B 243 -23.92 -4.36 8.04
C ILE B 243 -25.17 -5.22 7.82
N SER B 244 -25.10 -6.16 6.85
CA SER B 244 -26.26 -6.98 6.50
C SER B 244 -26.49 -8.18 7.43
N ASN B 245 -25.54 -8.51 8.32
CA ASN B 245 -25.74 -9.68 9.21
C ASN B 245 -27.06 -9.67 9.97
N VAL B 246 -27.57 -8.47 10.37
CA VAL B 246 -28.82 -8.33 11.12
C VAL B 246 -30.09 -8.53 10.25
N THR B 247 -29.92 -8.67 8.93
CA THR B 247 -31.04 -8.78 7.97
C THR B 247 -31.37 -10.22 7.63
N LYS B 248 -30.56 -11.16 8.15
CA LYS B 248 -30.64 -12.57 7.80
C LYS B 248 -31.59 -13.36 8.69
N PRO B 249 -31.99 -14.58 8.27
CA PRO B 249 -32.82 -15.41 9.18
C PRO B 249 -32.10 -15.49 10.53
N PHE B 250 -32.85 -15.42 11.62
CA PHE B 250 -32.29 -15.36 12.98
C PHE B 250 -31.11 -16.29 13.25
N ASP B 251 -31.21 -17.60 12.93
CA ASP B 251 -30.12 -18.53 13.24
C ASP B 251 -28.81 -18.20 12.55
N ILE B 252 -28.87 -17.59 11.35
CA ILE B 252 -27.67 -17.15 10.60
C ILE B 252 -27.10 -15.89 11.28
N SER B 253 -28.00 -14.93 11.54
CA SER B 253 -27.69 -13.65 12.19
C SER B 253 -27.01 -13.88 13.54
N ARG B 254 -27.54 -14.82 14.35
CA ARG B 254 -26.96 -15.16 15.65
C ARG B 254 -25.51 -15.66 15.48
N GLN B 255 -25.24 -16.50 14.44
CA GLN B 255 -23.88 -17.00 14.24
C GLN B 255 -22.90 -15.88 13.85
N TRP B 256 -23.35 -14.88 13.08
CA TRP B 256 -22.50 -13.74 12.72
C TRP B 256 -22.19 -12.94 14.00
N ALA B 257 -23.20 -12.81 14.87
CA ALA B 257 -23.07 -12.10 16.16
C ALA B 257 -22.06 -12.80 17.08
N MET B 258 -22.08 -14.15 17.09
CA MET B 258 -21.11 -14.87 17.91
C MET B 258 -19.67 -14.65 17.39
N ALA B 259 -19.47 -14.67 16.07
CA ALA B 259 -18.16 -14.47 15.45
C ALA B 259 -17.62 -13.06 15.69
N VAL B 260 -18.46 -12.03 15.51
CA VAL B 260 -17.97 -10.66 15.74
C VAL B 260 -17.59 -10.43 17.24
N THR B 261 -18.34 -11.07 18.15
CA THR B 261 -18.09 -10.98 19.59
C THR B 261 -16.72 -11.56 19.90
N GLU B 262 -16.41 -12.76 19.38
CA GLU B 262 -15.11 -13.37 19.64
C GLU B 262 -13.96 -12.55 19.03
N GLU B 263 -14.12 -12.02 17.80
CA GLU B 263 -13.07 -11.19 17.21
C GLU B 263 -12.81 -9.94 18.08
N PHE B 264 -13.89 -9.23 18.46
CA PHE B 264 -13.79 -8.01 19.26
C PHE B 264 -13.12 -8.30 20.60
N TYR B 265 -13.52 -9.40 21.27
CA TYR B 265 -12.88 -9.78 22.56
C TYR B 265 -11.39 -10.09 22.40
N ARG B 266 -11.01 -10.75 21.29
CA ARG B 266 -9.63 -11.06 20.96
C ARG B 266 -8.85 -9.72 20.82
N GLN B 267 -9.47 -8.70 20.20
CA GLN B 267 -8.81 -7.39 20.12
C GLN B 267 -8.58 -6.82 21.52
N GLY B 268 -9.60 -6.82 22.37
CA GLY B 268 -9.47 -6.30 23.73
C GLY B 268 -8.37 -7.01 24.52
N ASP B 269 -8.30 -8.35 24.40
CA ASP B 269 -7.24 -9.16 25.04
C ASP B 269 -5.85 -8.70 24.60
N MET B 270 -5.67 -8.48 23.28
CA MET B 270 -4.42 -7.99 22.70
C MET B 270 -4.11 -6.56 23.19
N GLU B 271 -5.14 -5.73 23.32
CA GLU B 271 -4.97 -4.35 23.80
C GLU B 271 -4.49 -4.33 25.25
N LYS B 272 -5.03 -5.21 26.11
CA LYS B 272 -4.64 -5.26 27.53
C LYS B 272 -3.18 -5.66 27.63
N GLU B 273 -2.76 -6.60 26.77
CA GLU B 273 -1.39 -7.11 26.68
C GLU B 273 -0.42 -6.02 26.19
N ARG B 274 -0.90 -5.04 25.40
CA ARG B 274 -0.08 -3.93 24.88
C ARG B 274 -0.21 -2.63 25.69
N GLY B 275 -0.95 -2.71 26.81
CA GLY B 275 -1.15 -1.62 27.74
C GLY B 275 -1.88 -0.41 27.17
N VAL B 276 -2.87 -0.66 26.28
CA VAL B 276 -3.65 0.41 25.66
C VAL B 276 -5.11 0.28 26.11
N GLU B 277 -5.88 1.40 25.96
CA GLU B 277 -7.29 1.52 26.31
C GLU B 277 -8.16 0.45 25.64
N VAL B 278 -9.07 -0.19 26.43
CA VAL B 278 -10.07 -1.19 25.98
C VAL B 278 -11.50 -0.69 26.27
N LEU B 279 -12.33 -0.57 25.24
CA LEU B 279 -13.73 -0.16 25.40
C LEU B 279 -14.60 -1.37 25.81
N PRO B 280 -15.74 -1.22 26.58
CA PRO B 280 -16.51 -2.42 26.98
C PRO B 280 -16.85 -3.39 25.87
N MET B 281 -17.15 -2.86 24.66
CA MET B 281 -17.49 -3.64 23.46
C MET B 281 -16.41 -4.70 23.17
N PHE B 282 -15.15 -4.39 23.55
CA PHE B 282 -14.00 -5.25 23.29
C PHE B 282 -13.49 -5.97 24.54
N ASP B 283 -14.15 -5.74 25.67
CA ASP B 283 -13.73 -6.24 26.98
C ASP B 283 -14.54 -7.45 27.46
N ARG B 284 -13.94 -8.65 27.44
CA ARG B 284 -14.67 -9.85 27.88
C ARG B 284 -14.90 -9.90 29.41
N SER B 285 -14.27 -9.00 30.21
CA SER B 285 -14.50 -8.98 31.66
C SER B 285 -15.85 -8.36 32.03
N LYS B 286 -16.45 -7.55 31.13
CA LYS B 286 -17.73 -6.86 31.36
C LYS B 286 -18.93 -7.81 31.25
N ASN B 287 -18.71 -8.99 30.62
CA ASN B 287 -19.67 -10.09 30.39
C ASN B 287 -21.02 -9.61 29.85
N MET B 288 -20.97 -8.76 28.82
CA MET B 288 -22.19 -8.23 28.20
C MET B 288 -22.98 -9.30 27.45
N GLU B 289 -24.30 -9.17 27.48
CA GLU B 289 -25.23 -10.09 26.85
C GLU B 289 -25.16 -9.95 25.33
N LEU B 290 -25.01 -11.09 24.62
CA LEU B 290 -24.97 -11.07 23.15
C LEU B 290 -26.24 -10.35 22.59
N ALA B 291 -27.43 -10.63 23.18
CA ALA B 291 -28.70 -10.01 22.76
C ALA B 291 -28.68 -8.46 22.87
N LYS B 292 -28.13 -7.93 24.00
CA LYS B 292 -28.03 -6.48 24.20
C LYS B 292 -27.13 -5.86 23.14
N GLY B 293 -26.02 -6.52 22.81
CA GLY B 293 -25.08 -6.08 21.79
C GLY B 293 -25.74 -5.98 20.42
N GLN B 294 -26.54 -6.99 20.06
CA GLN B 294 -27.20 -6.98 18.76
C GLN B 294 -28.38 -5.97 18.71
N ILE B 295 -29.15 -5.84 19.79
CA ILE B 295 -30.24 -4.84 19.84
C ILE B 295 -29.61 -3.43 19.71
N GLY B 296 -28.46 -3.21 20.37
CA GLY B 296 -27.73 -1.94 20.29
C GLY B 296 -27.26 -1.61 18.89
N PHE B 297 -26.60 -2.58 18.21
CA PHE B 297 -26.13 -2.41 16.84
C PHE B 297 -27.35 -2.12 15.91
N ILE B 298 -28.47 -2.81 16.12
CA ILE B 298 -29.67 -2.57 15.32
C ILE B 298 -30.21 -1.14 15.58
N ASP B 299 -30.32 -0.75 16.85
CA ASP B 299 -30.90 0.54 17.23
C ASP B 299 -30.09 1.75 16.83
N PHE B 300 -28.77 1.70 17.06
CA PHE B 300 -27.88 2.81 16.77
C PHE B 300 -27.31 2.83 15.35
N VAL B 301 -27.24 1.66 14.67
CA VAL B 301 -26.65 1.65 13.34
C VAL B 301 -27.55 1.07 12.25
N ALA B 302 -27.85 -0.24 12.33
CA ALA B 302 -28.43 -0.95 11.20
C ALA B 302 -29.89 -0.63 10.88
N ALA B 303 -30.78 -0.63 11.88
CA ALA B 303 -32.21 -0.33 11.59
C ALA B 303 -32.39 1.09 10.97
N PRO B 304 -31.84 2.20 11.51
CA PRO B 304 -31.96 3.47 10.77
C PRO B 304 -31.32 3.45 9.38
N PHE B 305 -30.16 2.77 9.19
CA PHE B 305 -29.52 2.74 7.86
C PHE B 305 -30.43 2.10 6.79
N PHE B 306 -30.92 0.88 7.08
CA PHE B 306 -31.78 0.17 6.14
C PHE B 306 -33.09 0.90 5.95
N GLN B 307 -33.70 1.38 7.04
CA GLN B 307 -34.99 2.09 6.97
C GLN B 307 -34.86 3.36 6.10
N LYS B 308 -33.78 4.13 6.30
CA LYS B 308 -33.58 5.36 5.52
C LYS B 308 -33.25 5.12 4.04
N ILE B 309 -32.36 4.14 3.71
CA ILE B 309 -32.05 3.92 2.29
C ILE B 309 -33.26 3.34 1.53
N VAL B 310 -34.02 2.44 2.18
CA VAL B 310 -35.22 1.82 1.58
C VAL B 310 -36.29 2.91 1.32
N ASP B 311 -36.56 3.76 2.32
CA ASP B 311 -37.55 4.85 2.18
C ASP B 311 -37.17 5.91 1.16
N ALA B 312 -35.87 6.21 1.05
CA ALA B 312 -35.37 7.23 0.14
C ALA B 312 -35.38 6.82 -1.32
N CYS B 313 -35.03 5.54 -1.64
CA CYS B 313 -34.87 5.10 -3.02
C CYS B 313 -34.97 3.59 -3.22
N LEU B 314 -34.42 2.79 -2.29
CA LEU B 314 -34.27 1.35 -2.47
C LEU B 314 -35.44 0.53 -1.92
N GLN B 315 -36.64 0.80 -2.48
CA GLN B 315 -37.89 0.14 -2.08
C GLN B 315 -37.82 -1.39 -2.17
N GLY B 316 -37.11 -1.90 -3.17
CA GLY B 316 -36.95 -3.33 -3.42
C GLY B 316 -36.25 -4.08 -2.29
N MET B 317 -35.53 -3.34 -1.44
CA MET B 317 -34.81 -3.89 -0.31
C MET B 317 -35.60 -3.86 0.98
N GLN B 318 -36.95 -3.66 0.89
CA GLN B 318 -37.84 -3.63 2.06
C GLN B 318 -37.62 -4.80 3.05
N TRP B 319 -37.34 -6.02 2.55
CA TRP B 319 -37.15 -7.20 3.42
C TRP B 319 -36.05 -6.96 4.48
N THR B 320 -35.03 -6.13 4.16
CA THR B 320 -33.96 -5.89 5.14
C THR B 320 -34.49 -5.20 6.40
N VAL B 321 -35.47 -4.30 6.22
CA VAL B 321 -36.12 -3.57 7.29
C VAL B 321 -36.97 -4.55 8.11
N ASP B 322 -37.75 -5.40 7.41
CA ASP B 322 -38.59 -6.42 8.05
C ASP B 322 -37.81 -7.39 8.91
N ARG B 323 -36.68 -7.92 8.36
CA ARG B 323 -35.86 -8.91 9.05
C ARG B 323 -35.07 -8.27 10.18
N THR B 324 -34.69 -6.99 10.05
CA THR B 324 -34.03 -6.30 11.16
C THR B 324 -35.00 -6.21 12.36
N LYS B 325 -36.27 -5.81 12.10
CA LYS B 325 -37.34 -5.69 13.08
C LYS B 325 -37.63 -7.04 13.73
N SER B 326 -37.82 -8.09 12.91
CA SER B 326 -38.06 -9.46 13.42
C SER B 326 -36.90 -9.94 14.33
N ASN B 327 -35.64 -9.73 13.91
CA ASN B 327 -34.46 -10.11 14.67
C ASN B 327 -34.34 -9.36 15.96
N ARG B 328 -34.58 -8.03 15.93
CA ARG B 328 -34.55 -7.24 17.17
C ARG B 328 -35.53 -7.86 18.19
N ALA B 329 -36.77 -8.19 17.74
CA ALA B 329 -37.82 -8.76 18.60
C ALA B 329 -37.38 -10.10 19.15
N GLN B 330 -36.71 -10.92 18.31
CA GLN B 330 -36.22 -12.23 18.75
C GLN B 330 -35.15 -12.05 19.84
N TRP B 331 -34.21 -11.07 19.66
CA TRP B 331 -33.17 -10.83 20.69
C TRP B 331 -33.81 -10.36 22.00
N GLU B 332 -34.90 -9.57 21.91
CA GLU B 332 -35.64 -9.14 23.12
C GLU B 332 -36.17 -10.37 23.87
N ARG B 333 -36.68 -11.38 23.14
CA ARG B 333 -37.16 -12.64 23.75
C ARG B 333 -36.04 -13.45 24.39
N VAL B 334 -34.84 -13.43 23.77
CA VAL B 334 -33.64 -14.11 24.30
C VAL B 334 -33.25 -13.47 25.65
N LEU B 335 -33.39 -12.14 25.78
CA LEU B 335 -33.08 -11.38 26.99
C LEU B 335 -33.98 -11.63 28.19
N GLU B 336 -35.27 -11.90 27.96
CA GLU B 336 -36.28 -12.11 29.03
C GLU B 336 -36.54 -13.57 29.41
ZN ZN C . 15.62 7.51 -5.70
MG MG D . 11.74 8.01 -5.88
C2 LLI E . 18.62 13.92 -13.45
C3 LLI E . 19.61 13.03 -13.00
O1 LLI E . 18.93 14.63 -14.59
C12 LLI E . 15.41 12.26 -9.94
C14 LLI E . 13.91 11.91 -10.11
C15 LLI E . 13.04 13.15 -10.31
C16 LLI E . 15.66 13.01 -8.63
C17 LLI E . 14.91 12.42 -7.46
C18 LLI E . 13.42 11.06 -8.93
C19 LLI E . 13.84 11.65 -7.60
C21 LLI E . 13.02 15.43 -11.37
C22 LLI E . 12.89 15.55 -12.93
C23 LLI E . 13.78 16.61 -10.70
C24 LLI E . 12.18 16.78 -13.49
C25 LLI E . 13.27 18.03 -10.91
C26 LLI E . 13.61 18.66 -12.27
C27 LLI E . 13.00 18.07 -13.56
C28 LLI E . 17.96 15.58 -15.07
C29 LLI E . 18.50 16.12 -16.37
C4 LLI E . 17.38 13.96 -12.83
C5 LLI E . 19.32 12.17 -11.94
C6 LLI E . 17.10 13.11 -11.76
C7 LLI E . 18.07 12.21 -11.33
O8 LLI E . 20.81 13.08 -13.64
C9 LLI E . 21.77 12.05 -13.39
C10 LLI E . 15.76 13.15 -11.12
N11 LLI E . 14.92 14.03 -11.63
N13 LLI E . 13.67 14.13 -11.07
O20 LLI E . 11.92 13.26 -9.83
N30 LLI E . 18.30 15.22 -17.50
C31 LLI E . 17.04 14.50 -17.73
C32 LLI E . 19.32 14.66 -18.22
C33 LLI E . 17.35 13.68 -18.98
N34 LLI E . 18.79 13.76 -19.07
O35 LLI E . 20.50 14.97 -18.12
ZN ZN F . -16.38 -6.15 5.70
MG MG G . -13.55 -3.42 6.43
C2 LLI H . -21.64 -5.98 14.73
C3 LLI H . -21.91 -7.08 13.89
O1 LLI H . -22.15 -6.04 16.00
C12 LLI H . -18.55 -4.06 11.30
C14 LLI H . -17.14 -3.42 11.48
C15 LLI H . -17.17 -2.09 12.23
C16 LLI H . -19.44 -3.20 10.38
C17 LLI H . -18.67 -2.68 9.19
C18 LLI H . -16.43 -3.29 10.14
C19 LLI H . -17.35 -2.81 9.05
C21 LLI H . -18.19 -0.89 14.10
C22 LLI H . -18.07 -1.30 15.59
C23 LLI H . -19.44 -0.04 13.71
C24 LLI H . -19.39 -1.44 16.37
C25 LLI H . -19.74 1.17 14.60
C26 LLI H . -20.60 0.85 15.80
C27 LLI H . -20.04 -0.11 16.84
C28 LLI H . -21.92 -4.93 16.89
C29 LLI H . -22.45 -5.35 18.23
C4 LLI H . -20.76 -5.00 14.32
C5 LLI H . -21.26 -7.18 12.66
C6 LLI H . -20.11 -5.09 13.09
C7 LLI H . -20.36 -6.19 12.27
O8 LLI H . -22.79 -8.00 14.39
C9 LLI H . -22.94 -9.24 13.67
C10 LLI H . -19.17 -4.04 12.68
N11 LLI H . -18.93 -3.08 13.57
N13 LLI H . -18.11 -2.05 13.19
O20 LLI H . -16.42 -1.17 11.95
N30 LLI H . -21.57 -6.32 18.90
C31 LLI H . -20.27 -5.95 19.47
C32 LLI H . -22.01 -7.51 19.42
C33 LLI H . -19.78 -7.26 20.05
N34 LLI H . -21.00 -8.05 20.13
O35 LLI H . -23.12 -7.98 19.27
#